data_8POX
#
_entry.id   8POX
#
_cell.length_a   73.208
_cell.length_b   95.688
_cell.length_c   119.840
_cell.angle_alpha   90.00
_cell.angle_beta   90.00
_cell.angle_gamma   90.00
#
_symmetry.space_group_name_H-M   'P 21 21 21'
#
loop_
_entity.id
_entity.type
_entity.pdbx_description
1 polymer 'Uptake hydrogenase large subunit'
2 polymer 'Uptake hydrogenase small subunit'
3 non-polymer formyl[bis(hydrocyanato-1kappaC)]ironnickel(Fe-Ni)
4 non-polymer 'MAGNESIUM ION'
5 non-polymer 'SODIUM ION'
6 non-polymer 'PHOSPHATE ION'
7 non-polymer 'IRON/SULFUR CLUSTER'
8 non-polymer 'FE3-S4 CLUSTER'
9 non-polymer 'CHLORIDE ION'
10 non-polymer Fe4S4
11 water water
#
loop_
_entity_poly.entity_id
_entity_poly.type
_entity_poly.pdbx_seq_one_letter_code
_entity_poly.pdbx_strand_id
1 'polypeptide(L)'
;MSAYATQGFNLDDRGRRIVVDPVTRIEGHMRCEVNVDANNVIRNAVSTGTMWRGLEVILKGRDPRDAWAFVERICGVCTG
CHALASVRAVENALDIRIPKNAHLIREIMAKTLQVHDHAVHFYHLHALDWVDVMSALKADPKRTSELQQLVSPAHPLSSA
GYFRDIQNRLKRFVESGQLGPFMNGYWGSKAYVLPPEANLMAVTHYLEALDLQKEWVKIHTIFGGKNPHPNYLVGGVPCA
INLDGIGAASAPVNMERLSFVKARIDEIIEFNKNVYVPDVLAIGTLYKQAGWLYGGGLAATNVLDYGEYPNVAYNKSTDQ
LPGGAILNGNWDEVFPVDPRDSQQVQEFVSHSWYKYADESVGLHPWDGVTEPNYVLGANTKGTRTRIEQIDESAKYSWIK
SPRWRGHAMEVGPLSRYILAYAHARSGNKYAERPKEQLEYSAQMINSAIPKALGLPETQYTLKQLLPSTIGRTLARALES
QYCGEMMHSDWHDLVANIRAGDTATANVDKWDPATWPLQAKGVGTVAAPRGALGHWIRIKDGRIENYQCVVPTTWNGSPR
DYKGQIGAFEASLMNTPMVNPEQPVEILRTLHSFDPCLACSTH
;
L
2 'polypeptide(L)'
;METKPRTPVLWLHGLECTGCSESFIRSAHPLAKDVVLSMISLDYDDTLMAAAGHQAEAILEEIMTKYKGNYILAVEGNPP
LNQDGMSCIIGGRPFIEQLKYVAKDAKAIISWGSCASWGCVQAAKPNPTQATPVHKVITDKPIIKVPGCPPIAEVMTGVI
TYMLTFDRIPELDRQGRPKMFYSQRIHDKCYRRPHFDAGQFVEEWDDESARKGFCLYKMGCKGPTTYNACSTTRWNEGTS
FPIQSGHGCIGCSEDGFWDKGSFYDRLTGISQFGVEANADKIGGTASVVVGAAVTAHAAASAIKRASKKNETSGSEHRSA
WSHPQFEK
;
S
#
loop_
_chem_comp.id
_chem_comp.type
_chem_comp.name
_chem_comp.formula
CL non-polymer 'CHLORIDE ION' 'Cl -1'
ER2 non-polymer Fe4S4 'Fe4 S4'
F3S non-polymer 'FE3-S4 CLUSTER' 'Fe3 S4'
MG non-polymer 'MAGNESIUM ION' 'Mg 2'
NA non-polymer 'SODIUM ION' 'Na 1'
NFU non-polymer formyl[bis(hydrocyanato-1kappaC)]ironnickel(Fe-Ni) 'C3 H Fe N2 Ni O'
PO4 non-polymer 'PHOSPHATE ION' 'O4 P -3'
SF4 non-polymer 'IRON/SULFUR CLUSTER' 'Fe4 S4'
#
# COMPACT_ATOMS: atom_id res chain seq x y z
N ALA A 3 -15.24 -32.15 -2.14
CA ALA A 3 -15.43 -31.61 -0.76
C ALA A 3 -14.45 -32.20 0.23
N TYR A 4 -13.90 -31.35 1.11
CA TYR A 4 -13.12 -31.82 2.26
C TYR A 4 -13.16 -30.82 3.41
N ALA A 5 -12.85 -31.31 4.61
CA ALA A 5 -12.83 -30.49 5.81
C ALA A 5 -11.41 -30.12 6.19
N THR A 6 -11.20 -28.87 6.57
CA THR A 6 -9.89 -28.42 7.08
C THR A 6 -10.10 -27.24 8.03
N GLN A 7 -9.42 -27.26 9.17
CA GLN A 7 -9.44 -26.14 10.14
C GLN A 7 -10.86 -25.79 10.63
N GLY A 8 -11.75 -26.79 10.67
CA GLY A 8 -13.14 -26.57 11.06
C GLY A 8 -14.06 -26.05 9.97
N PHE A 9 -13.52 -25.87 8.76
CA PHE A 9 -14.31 -25.42 7.61
C PHE A 9 -14.62 -26.59 6.70
N ASN A 10 -15.88 -26.70 6.32
CA ASN A 10 -16.33 -27.74 5.40
C ASN A 10 -16.39 -27.19 3.98
N LEU A 11 -15.28 -27.36 3.24
CA LEU A 11 -15.17 -26.86 1.87
C LEU A 11 -15.98 -27.75 0.93
N ASP A 12 -16.77 -27.13 0.07
CA ASP A 12 -17.60 -27.85 -0.90
C ASP A 12 -17.69 -27.04 -2.17
N ASP A 13 -17.23 -27.61 -3.27
CA ASP A 13 -17.24 -26.92 -4.56
C ASP A 13 -18.37 -27.41 -5.48
N ARG A 14 -19.37 -28.09 -4.93
CA ARG A 14 -20.47 -28.59 -5.74
C ARG A 14 -21.55 -27.54 -6.06
N GLY A 15 -21.53 -26.42 -5.36
CA GLY A 15 -22.54 -25.37 -5.56
C GLY A 15 -22.25 -24.47 -6.74
N ARG A 16 -23.04 -23.40 -6.85
CA ARG A 16 -22.90 -22.43 -7.94
C ARG A 16 -21.59 -21.64 -7.85
N ARG A 17 -20.84 -21.63 -8.95
CA ARG A 17 -19.56 -20.95 -9.01
C ARG A 17 -19.75 -19.49 -9.38
N ILE A 18 -19.11 -18.61 -8.62
CA ILE A 18 -19.14 -17.17 -8.85
C ILE A 18 -17.71 -16.68 -9.01
N VAL A 19 -17.48 -15.82 -10.01
CA VAL A 19 -16.15 -15.28 -10.28
C VAL A 19 -16.14 -13.76 -10.11
N VAL A 20 -15.13 -13.25 -9.42
CA VAL A 20 -14.91 -11.82 -9.27
C VAL A 20 -13.49 -11.49 -9.75
N ASP A 21 -13.39 -10.99 -10.98
CA ASP A 21 -12.10 -10.67 -11.59
C ASP A 21 -12.31 -9.52 -12.58
N PRO A 22 -11.79 -8.32 -12.25
CA PRO A 22 -10.92 -7.98 -11.13
C PRO A 22 -11.64 -7.73 -9.79
N VAL A 23 -10.97 -8.09 -8.70
CA VAL A 23 -11.34 -7.55 -7.40
C VAL A 23 -10.81 -6.12 -7.40
N THR A 24 -11.71 -5.15 -7.22
CA THR A 24 -11.33 -3.75 -7.24
C THR A 24 -11.27 -3.22 -5.82
N ARG A 25 -10.90 -1.94 -5.70
CA ARG A 25 -10.64 -1.28 -4.41
C ARG A 25 -9.70 -2.11 -3.50
N ILE A 26 -8.64 -2.59 -4.15
CA ILE A 26 -7.47 -3.17 -3.49
C ILE A 26 -6.25 -2.57 -4.20
N GLU A 27 -5.07 -2.81 -3.65
CA GLU A 27 -3.85 -2.56 -4.40
C GLU A 27 -3.54 -3.79 -5.26
N GLY A 28 -3.27 -3.55 -6.54
CA GLY A 28 -2.79 -4.61 -7.42
C GLY A 28 -3.90 -5.48 -7.97
N HIS A 29 -3.56 -6.74 -8.26
CA HIS A 29 -4.41 -7.63 -9.05
C HIS A 29 -4.77 -8.90 -8.29
N MET A 30 -6.09 -9.13 -8.16
CA MET A 30 -6.64 -10.34 -7.54
C MET A 30 -7.86 -10.83 -8.30
N ARG A 31 -7.96 -12.16 -8.38
CA ARG A 31 -9.17 -12.86 -8.81
C ARG A 31 -9.69 -13.65 -7.61
N CYS A 32 -11.00 -13.61 -7.41
CA CYS A 32 -11.64 -14.40 -6.37
C CYS A 32 -12.75 -15.25 -6.99
N GLU A 33 -12.79 -16.53 -6.63
CA GLU A 33 -13.90 -17.39 -6.99
C GLU A 33 -14.47 -18.03 -5.72
N VAL A 34 -15.79 -18.17 -5.69
CA VAL A 34 -16.46 -18.87 -4.60
C VAL A 34 -17.49 -19.84 -5.16
N ASN A 35 -17.89 -20.79 -4.33
CA ASN A 35 -19.10 -21.57 -4.59
C ASN A 35 -20.12 -21.26 -3.51
N VAL A 36 -21.38 -21.12 -3.91
CA VAL A 36 -22.47 -20.91 -2.95
C VAL A 36 -23.48 -22.06 -2.99
N ASP A 37 -24.08 -22.34 -1.84
CA ASP A 37 -25.06 -23.40 -1.73
C ASP A 37 -26.44 -22.93 -2.19
N ALA A 38 -27.44 -23.77 -1.99
CA ALA A 38 -28.80 -23.50 -2.43
C ALA A 38 -29.39 -22.24 -1.80
N ASN A 39 -28.82 -21.79 -0.68
CA ASN A 39 -29.30 -20.63 0.04
C ASN A 39 -28.36 -19.41 -0.07
N ASN A 40 -27.49 -19.43 -1.09
CA ASN A 40 -26.53 -18.35 -1.36
C ASN A 40 -25.44 -18.16 -0.30
N VAL A 41 -25.14 -19.21 0.46
CA VAL A 41 -24.08 -19.16 1.46
C VAL A 41 -22.79 -19.69 0.86
N ILE A 42 -21.70 -18.95 1.06
CA ILE A 42 -20.40 -19.34 0.52
C ILE A 42 -19.90 -20.61 1.21
N ARG A 43 -19.59 -21.64 0.42
CA ARG A 43 -19.13 -22.91 0.96
C ARG A 43 -17.74 -23.29 0.41
N ASN A 44 -17.19 -22.42 -0.43
CA ASN A 44 -15.83 -22.59 -0.94
C ASN A 44 -15.36 -21.22 -1.38
N ALA A 45 -14.07 -20.95 -1.18
CA ALA A 45 -13.47 -19.68 -1.58
C ALA A 45 -12.05 -19.92 -2.07
N VAL A 46 -11.69 -19.18 -3.13
CA VAL A 46 -10.43 -19.38 -3.85
C VAL A 46 -9.78 -18.01 -4.08
N SER A 47 -8.61 -17.81 -3.49
CA SER A 47 -7.85 -16.57 -3.61
C SER A 47 -6.75 -16.76 -4.65
N THR A 48 -6.78 -15.95 -5.71
CA THR A 48 -5.78 -16.00 -6.78
C THR A 48 -5.10 -14.64 -6.92
N GLY A 49 -3.80 -14.58 -6.59
CA GLY A 49 -2.98 -13.42 -6.91
C GLY A 49 -2.66 -13.42 -8.39
N THR A 50 -3.08 -12.37 -9.10
CA THR A 50 -3.02 -12.34 -10.54
C THR A 50 -1.90 -11.43 -11.11
N MET A 51 -0.82 -11.26 -10.37
CA MET A 51 0.35 -10.53 -10.87
C MET A 51 1.62 -11.06 -10.24
N TRP A 52 2.74 -10.89 -10.94
CA TRP A 52 4.07 -11.17 -10.40
C TRP A 52 5.08 -10.31 -11.17
N ARG A 53 6.10 -9.83 -10.46
CA ARG A 53 7.16 -9.02 -11.06
C ARG A 53 8.56 -9.64 -10.88
N GLY A 54 8.78 -10.34 -9.77
CA GLY A 54 10.04 -11.05 -9.56
C GLY A 54 11.17 -10.23 -8.96
N LEU A 55 10.87 -9.39 -7.97
CA LEU A 55 11.91 -8.59 -7.31
C LEU A 55 13.00 -9.45 -6.69
N GLU A 56 12.64 -10.62 -6.17
CA GLU A 56 13.61 -11.49 -5.53
C GLU A 56 14.65 -11.97 -6.54
N VAL A 57 14.21 -12.21 -7.77
CA VAL A 57 15.10 -12.65 -8.85
C VAL A 57 15.97 -11.47 -9.30
N ILE A 58 15.36 -10.31 -9.44
CA ILE A 58 16.04 -9.10 -9.88
C ILE A 58 17.19 -8.69 -8.95
N LEU A 59 17.01 -8.91 -7.65
CA LEU A 59 18.01 -8.49 -6.65
C LEU A 59 19.31 -9.27 -6.67
N LYS A 60 19.29 -10.49 -7.23
N LYS A 60 19.30 -10.46 -7.28
CA LYS A 60 20.47 -11.37 -7.19
CA LYS A 60 20.47 -11.34 -7.25
C LYS A 60 21.68 -10.68 -7.84
C LYS A 60 21.68 -10.63 -7.83
N GLY A 61 22.81 -10.69 -7.13
CA GLY A 61 24.05 -10.13 -7.63
C GLY A 61 24.25 -8.64 -7.37
N ARG A 62 23.23 -7.97 -6.84
CA ARG A 62 23.31 -6.51 -6.64
C ARG A 62 23.94 -6.18 -5.28
N ASP A 63 24.15 -4.89 -5.02
CA ASP A 63 24.77 -4.42 -3.79
C ASP A 63 23.70 -4.32 -2.70
N PRO A 64 23.93 -4.96 -1.54
CA PRO A 64 22.97 -4.88 -0.44
C PRO A 64 22.55 -3.45 -0.07
N ARG A 65 23.46 -2.48 -0.24
CA ARG A 65 23.14 -1.09 0.10
C ARG A 65 22.08 -0.48 -0.82
N ASP A 66 21.93 -1.02 -2.03
CA ASP A 66 20.93 -0.55 -2.99
C ASP A 66 19.57 -1.22 -2.83
N ALA A 67 19.52 -2.34 -2.12
CA ALA A 67 18.33 -3.20 -2.09
C ALA A 67 17.07 -2.46 -1.64
N TRP A 68 17.20 -1.60 -0.63
CA TRP A 68 16.03 -0.93 -0.06
C TRP A 68 15.20 -0.20 -1.14
N ALA A 69 15.86 0.40 -2.13
CA ALA A 69 15.16 1.17 -3.15
C ALA A 69 14.40 0.28 -4.14
N PHE A 70 14.98 -0.88 -4.46
CA PHE A 70 14.32 -1.87 -5.30
C PHE A 70 13.06 -2.40 -4.59
N VAL A 71 13.22 -2.83 -3.35
CA VAL A 71 12.11 -3.47 -2.64
C VAL A 71 11.07 -2.45 -2.17
N GLU A 72 11.47 -1.19 -2.01
CA GLU A 72 10.49 -0.15 -1.72
C GLU A 72 9.43 -0.13 -2.82
N ARG A 73 9.85 -0.35 -4.07
CA ARG A 73 8.97 -0.35 -5.22
C ARG A 73 8.15 -1.62 -5.37
N ILE A 74 8.21 -2.52 -4.39
CA ILE A 74 7.21 -3.58 -4.28
C ILE A 74 5.83 -2.95 -4.14
N CYS A 75 5.75 -1.82 -3.42
CA CYS A 75 4.45 -1.23 -3.16
C CYS A 75 4.53 0.26 -2.83
N GLY A 76 3.74 1.05 -3.55
CA GLY A 76 3.63 2.48 -3.33
C GLY A 76 2.54 2.90 -2.35
N VAL A 77 1.73 1.94 -1.91
CA VAL A 77 0.72 2.17 -0.88
C VAL A 77 1.37 2.00 0.50
N CYS A 78 1.91 0.81 0.79
CA CYS A 78 2.70 0.63 2.01
C CYS A 78 4.14 1.11 1.76
N THR A 79 4.22 2.35 1.28
CA THR A 79 5.48 2.89 0.80
C THR A 79 6.48 3.15 1.92
N GLY A 80 7.64 2.53 1.81
CA GLY A 80 8.70 2.66 2.81
C GLY A 80 8.84 1.49 3.77
N CYS A 81 7.79 0.71 3.99
CA CYS A 81 7.90 -0.39 4.95
C CYS A 81 8.88 -1.46 4.46
N HIS A 82 8.93 -1.68 3.14
CA HIS A 82 9.92 -2.59 2.56
C HIS A 82 11.33 -2.02 2.64
N ALA A 83 11.46 -0.70 2.47
CA ALA A 83 12.76 -0.07 2.61
C ALA A 83 13.26 -0.26 4.04
N LEU A 84 12.39 -0.05 5.02
CA LEU A 84 12.72 -0.27 6.43
C LEU A 84 13.11 -1.72 6.72
N ALA A 85 12.36 -2.68 6.19
CA ALA A 85 12.71 -4.09 6.38
C ALA A 85 14.08 -4.41 5.79
N SER A 86 14.38 -3.83 4.63
CA SER A 86 15.62 -4.07 3.91
C SER A 86 16.83 -3.54 4.67
N VAL A 87 16.78 -2.29 5.09
CA VAL A 87 17.92 -1.71 5.81
C VAL A 87 18.13 -2.47 7.13
N ARG A 88 17.03 -2.85 7.79
CA ARG A 88 17.14 -3.66 9.00
C ARG A 88 17.80 -5.02 8.71
N ALA A 89 17.43 -5.64 7.60
CA ALA A 89 18.01 -6.93 7.24
C ALA A 89 19.52 -6.83 6.97
N VAL A 90 19.92 -5.80 6.23
CA VAL A 90 21.33 -5.60 5.90
C VAL A 90 22.13 -5.24 7.15
N GLU A 91 21.58 -4.35 7.98
CA GLU A 91 22.19 -4.00 9.26
C GLU A 91 22.34 -5.21 10.19
N ASN A 92 21.35 -6.10 10.18
CA ASN A 92 21.42 -7.34 10.96
C ASN A 92 22.52 -8.26 10.43
N ALA A 93 22.62 -8.38 9.11
CA ALA A 93 23.65 -9.19 8.48
C ALA A 93 25.06 -8.69 8.81
N LEU A 94 25.24 -7.37 8.82
CA LEU A 94 26.56 -6.78 8.95
C LEU A 94 26.88 -6.26 10.36
N ASP A 95 26.00 -6.53 11.32
N ASP A 95 26.03 -6.56 11.33
CA ASP A 95 26.18 -6.12 12.71
CA ASP A 95 26.19 -6.12 12.72
C ASP A 95 26.33 -4.61 12.84
C ASP A 95 26.34 -4.60 12.84
N ILE A 96 25.42 -3.87 12.22
CA ILE A 96 25.42 -2.41 12.25
C ILE A 96 24.33 -1.94 13.20
N ARG A 97 24.70 -1.15 14.21
CA ARG A 97 23.73 -0.52 15.09
C ARG A 97 23.55 0.95 14.69
N ILE A 98 22.32 1.33 14.39
CA ILE A 98 22.04 2.71 13.96
C ILE A 98 21.95 3.64 15.17
N PRO A 99 22.26 4.94 14.97
CA PRO A 99 22.16 5.88 16.09
C PRO A 99 20.71 6.19 16.46
N LYS A 100 20.53 6.67 17.68
CA LYS A 100 19.21 6.89 18.26
C LYS A 100 18.31 7.77 17.39
N ASN A 101 18.85 8.85 16.83
CA ASN A 101 18.03 9.73 16.00
C ASN A 101 17.51 9.03 14.75
N ALA A 102 18.34 8.18 14.15
CA ALA A 102 17.92 7.40 12.98
C ALA A 102 16.80 6.43 13.32
N HIS A 103 16.92 5.75 14.46
CA HIS A 103 15.87 4.91 14.99
C HIS A 103 14.56 5.68 15.15
N LEU A 104 14.62 6.83 15.81
CA LEU A 104 13.40 7.60 16.07
C LEU A 104 12.76 8.14 14.78
N ILE A 105 13.58 8.60 13.83
CA ILE A 105 13.07 9.11 12.58
C ILE A 105 12.40 7.96 11.78
N ARG A 106 13.04 6.79 11.76
CA ARG A 106 12.43 5.62 11.12
C ARG A 106 11.10 5.24 11.77
N GLU A 107 11.02 5.32 13.09
CA GLU A 107 9.77 5.01 13.79
C GLU A 107 8.66 6.02 13.44
N ILE A 108 9.02 7.30 13.40
CA ILE A 108 8.07 8.35 13.03
C ILE A 108 7.57 8.13 11.60
N MET A 109 8.50 7.81 10.69
CA MET A 109 8.11 7.51 9.31
C MET A 109 7.21 6.29 9.22
N ALA A 110 7.49 5.25 10.03
CA ALA A 110 6.69 4.04 10.03
C ALA A 110 5.27 4.31 10.51
N LYS A 111 5.16 5.09 11.59
CA LYS A 111 3.87 5.39 12.19
C LYS A 111 3.05 6.37 11.33
N THR A 112 3.72 7.27 10.62
CA THR A 112 3.09 8.13 9.62
C THR A 112 2.48 7.27 8.51
N LEU A 113 3.24 6.28 8.04
CA LEU A 113 2.71 5.36 7.04
C LEU A 113 1.48 4.61 7.56
N GLN A 114 1.56 4.13 8.79
N GLN A 114 1.55 4.12 8.78
CA GLN A 114 0.43 3.39 9.37
CA GLN A 114 0.44 3.39 9.40
C GLN A 114 -0.84 4.22 9.32
C GLN A 114 -0.84 4.21 9.34
N VAL A 115 -0.76 5.45 9.80
CA VAL A 115 -1.92 6.32 9.83
C VAL A 115 -2.45 6.62 8.43
N HIS A 116 -1.57 7.05 7.53
CA HIS A 116 -1.97 7.40 6.18
C HIS A 116 -2.61 6.21 5.47
N ASP A 117 -1.93 5.07 5.51
CA ASP A 117 -2.39 3.85 4.85
C ASP A 117 -3.74 3.42 5.43
N HIS A 118 -3.84 3.35 6.76
CA HIS A 118 -5.08 2.91 7.41
C HIS A 118 -6.28 3.81 7.07
N ALA A 119 -6.12 5.11 7.22
CA ALA A 119 -7.22 6.05 7.02
C ALA A 119 -7.65 6.10 5.56
N VAL A 120 -6.69 6.14 4.64
CA VAL A 120 -7.00 6.12 3.21
C VAL A 120 -7.69 4.80 2.85
N HIS A 121 -7.21 3.70 3.40
CA HIS A 121 -7.86 2.44 3.12
C HIS A 121 -9.33 2.48 3.51
N PHE A 122 -9.60 2.88 4.75
CA PHE A 122 -10.98 2.80 5.24
C PHE A 122 -11.91 3.66 4.39
N TYR A 123 -11.55 4.92 4.18
CA TYR A 123 -12.45 5.82 3.47
C TYR A 123 -12.51 5.54 1.98
N HIS A 124 -11.35 5.41 1.35
CA HIS A 124 -11.30 5.39 -0.09
C HIS A 124 -11.41 4.02 -0.74
N LEU A 125 -11.08 2.97 0.00
CA LEU A 125 -11.24 1.60 -0.51
C LEU A 125 -12.37 0.81 0.17
N HIS A 126 -12.50 0.93 1.49
CA HIS A 126 -13.41 0.08 2.25
C HIS A 126 -14.81 0.65 2.41
N ALA A 127 -14.92 1.96 2.56
CA ALA A 127 -16.19 2.58 2.97
C ALA A 127 -17.36 2.24 2.05
N LEU A 128 -17.12 2.18 0.74
CA LEU A 128 -18.20 1.89 -0.23
C LEU A 128 -18.74 0.45 -0.13
N ASP A 129 -18.16 -0.37 0.74
CA ASP A 129 -18.75 -1.68 1.06
C ASP A 129 -19.78 -1.58 2.18
N TRP A 130 -19.74 -0.49 2.95
CA TRP A 130 -20.66 -0.26 4.06
C TRP A 130 -21.62 0.90 3.81
N VAL A 131 -21.23 1.79 2.91
CA VAL A 131 -21.91 3.06 2.67
C VAL A 131 -22.52 3.07 1.27
N ASP A 132 -23.82 3.38 1.22
CA ASP A 132 -24.55 3.56 -0.04
C ASP A 132 -24.58 5.05 -0.37
N VAL A 133 -23.81 5.46 -1.37
N VAL A 133 -23.81 5.46 -1.37
CA VAL A 133 -23.69 6.86 -1.75
CA VAL A 133 -23.70 6.88 -1.73
C VAL A 133 -24.99 7.44 -2.31
C VAL A 133 -25.01 7.43 -2.29
N MET A 134 -25.79 6.61 -2.98
CA MET A 134 -27.09 7.05 -3.51
C MET A 134 -28.09 7.30 -2.38
N SER A 135 -27.96 6.55 -1.29
CA SER A 135 -28.80 6.74 -0.10
C SER A 135 -28.48 8.08 0.54
N ALA A 136 -27.20 8.46 0.54
CA ALA A 136 -26.76 9.76 1.06
C ALA A 136 -27.45 10.95 0.40
N LEU A 137 -27.88 10.78 -0.85
CA LEU A 137 -28.60 11.83 -1.58
C LEU A 137 -29.99 12.07 -0.98
N LYS A 138 -30.59 11.02 -0.43
CA LYS A 138 -31.89 11.11 0.26
C LYS A 138 -31.80 11.75 1.65
N ALA A 139 -30.59 11.83 2.20
CA ALA A 139 -30.41 12.22 3.60
C ALA A 139 -30.95 13.61 3.91
N ASP A 140 -31.44 13.79 5.13
CA ASP A 140 -31.81 15.10 5.61
C ASP A 140 -30.62 15.78 6.30
N PRO A 141 -30.24 16.98 5.84
CA PRO A 141 -29.06 17.66 6.39
C PRO A 141 -29.07 17.91 7.90
N LYS A 142 -30.22 18.30 8.47
N LYS A 142 -30.23 18.28 8.45
CA LYS A 142 -30.31 18.57 9.90
CA LYS A 142 -30.35 18.56 9.88
C LYS A 142 -30.16 17.30 10.74
C LYS A 142 -30.16 17.30 10.72
N ARG A 143 -30.75 16.19 10.28
CA ARG A 143 -30.60 14.91 10.99
C ARG A 143 -29.17 14.37 10.87
N THR A 144 -28.52 14.67 9.76
CA THR A 144 -27.11 14.35 9.58
C THR A 144 -26.25 15.15 10.55
N SER A 145 -26.55 16.44 10.68
CA SER A 145 -25.86 17.31 11.65
C SER A 145 -26.00 16.74 13.06
N GLU A 146 -27.22 16.35 13.42
CA GLU A 146 -27.50 15.76 14.73
C GLU A 146 -26.79 14.43 14.93
N LEU A 147 -26.74 13.61 13.89
CA LEU A 147 -26.00 12.36 13.95
C LEU A 147 -24.50 12.62 14.18
N GLN A 148 -23.96 13.57 13.42
CA GLN A 148 -22.55 13.93 13.56
C GLN A 148 -22.21 14.36 14.99
N GLN A 149 -23.09 15.17 15.59
CA GLN A 149 -22.88 15.64 16.97
C GLN A 149 -22.88 14.50 17.99
N LEU A 150 -23.70 13.47 17.76
CA LEU A 150 -23.73 12.29 18.63
C LEU A 150 -22.52 11.37 18.40
N VAL A 151 -22.17 11.14 17.13
CA VAL A 151 -21.07 10.23 16.79
C VAL A 151 -19.71 10.77 17.27
N SER A 152 -19.50 12.08 17.11
CA SER A 152 -18.25 12.71 17.51
C SER A 152 -18.47 14.18 17.85
N PRO A 153 -18.76 14.47 19.13
CA PRO A 153 -19.03 15.85 19.58
C PRO A 153 -17.93 16.84 19.23
N ALA A 154 -16.67 16.40 19.34
CA ALA A 154 -15.52 17.29 19.20
C ALA A 154 -15.24 17.75 17.77
N HIS A 155 -15.76 17.02 16.77
CA HIS A 155 -15.49 17.35 15.38
C HIS A 155 -16.22 18.65 14.96
N PRO A 156 -15.47 19.70 14.61
N PRO A 156 -15.46 19.72 14.66
CA PRO A 156 -16.07 21.02 14.37
CA PRO A 156 -16.08 21.02 14.38
C PRO A 156 -16.90 21.13 13.09
C PRO A 156 -16.92 21.12 13.10
N LEU A 157 -16.71 20.23 12.13
CA LEU A 157 -17.46 20.27 10.87
C LEU A 157 -18.77 19.49 10.99
N SER A 158 -19.82 20.17 11.45
CA SER A 158 -21.06 19.49 11.84
C SER A 158 -22.39 20.19 11.51
N SER A 159 -22.35 21.41 10.97
CA SER A 159 -23.58 22.16 10.73
C SER A 159 -24.42 21.58 9.59
N ALA A 160 -25.72 21.85 9.62
CA ALA A 160 -26.65 21.38 8.60
C ALA A 160 -26.32 21.93 7.22
N GLY A 161 -25.91 23.20 7.17
CA GLY A 161 -25.55 23.85 5.91
C GLY A 161 -24.35 23.22 5.25
N TYR A 162 -23.37 22.82 6.06
CA TYR A 162 -22.18 22.13 5.57
C TYR A 162 -22.55 20.80 4.90
N PHE A 163 -23.32 19.98 5.58
CA PHE A 163 -23.79 18.72 4.99
C PHE A 163 -24.70 18.94 3.78
N ARG A 164 -25.49 20.01 3.80
CA ARG A 164 -26.34 20.35 2.65
C ARG A 164 -25.50 20.67 1.42
N ASP A 165 -24.44 21.45 1.60
CA ASP A 165 -23.54 21.82 0.49
C ASP A 165 -22.85 20.60 -0.11
N ILE A 166 -22.38 19.70 0.75
CA ILE A 166 -21.73 18.47 0.30
C ILE A 166 -22.73 17.61 -0.46
N GLN A 167 -23.91 17.42 0.12
CA GLN A 167 -24.97 16.67 -0.52
C GLN A 167 -25.33 17.24 -1.90
N ASN A 168 -25.36 18.56 -2.01
CA ASN A 168 -25.70 19.21 -3.28
C ASN A 168 -24.67 18.93 -4.38
N ARG A 169 -23.39 19.00 -4.05
CA ARG A 169 -22.34 18.69 -5.02
C ARG A 169 -22.43 17.24 -5.51
N LEU A 170 -22.69 16.33 -4.59
N LEU A 170 -22.69 16.33 -4.59
CA LEU A 170 -22.88 14.92 -4.93
CA LEU A 170 -22.87 14.92 -4.94
C LEU A 170 -24.08 14.74 -5.85
C LEU A 170 -24.08 14.74 -5.86
N LYS A 171 -25.15 15.48 -5.56
CA LYS A 171 -26.39 15.39 -6.33
C LYS A 171 -26.19 15.79 -7.80
N ARG A 172 -25.53 16.92 -8.05
CA ARG A 172 -25.33 17.38 -9.43
C ARG A 172 -24.28 16.53 -10.16
N PHE A 173 -23.31 16.01 -9.41
CA PHE A 173 -22.36 15.04 -9.94
C PHE A 173 -23.11 13.82 -10.49
N VAL A 174 -23.98 13.24 -9.67
CA VAL A 174 -24.77 12.08 -10.08
C VAL A 174 -25.78 12.45 -11.18
N GLU A 175 -26.43 13.60 -11.03
CA GLU A 175 -27.40 14.08 -12.02
C GLU A 175 -26.79 14.37 -13.39
N SER A 176 -25.47 14.55 -13.45
CA SER A 176 -24.79 14.79 -14.72
C SER A 176 -24.85 13.60 -15.68
N GLY A 177 -25.08 12.41 -15.15
CA GLY A 177 -25.06 11.18 -15.95
C GLY A 177 -23.68 10.53 -16.04
N GLN A 178 -22.67 11.22 -15.51
CA GLN A 178 -21.30 10.68 -15.47
C GLN A 178 -20.94 10.38 -14.02
N LEU A 179 -21.21 9.16 -13.59
CA LEU A 179 -21.06 8.77 -12.17
C LEU A 179 -19.62 8.44 -11.77
N GLY A 180 -18.73 8.30 -12.75
CA GLY A 180 -17.31 8.08 -12.46
C GLY A 180 -17.06 6.85 -11.59
N PRO A 181 -16.39 7.02 -10.44
CA PRO A 181 -16.11 5.89 -9.54
C PRO A 181 -17.34 5.19 -8.95
N PHE A 182 -18.52 5.81 -9.07
CA PHE A 182 -19.76 5.20 -8.57
C PHE A 182 -20.55 4.45 -9.66
N MET A 183 -20.04 4.49 -10.88
CA MET A 183 -20.68 3.85 -12.03
C MET A 183 -20.82 2.35 -11.83
N ASN A 184 -22.02 1.82 -12.11
CA ASN A 184 -22.31 0.38 -12.01
C ASN A 184 -22.17 -0.20 -10.59
N GLY A 185 -22.31 0.65 -9.58
CA GLY A 185 -22.20 0.22 -8.18
C GLY A 185 -23.37 -0.64 -7.76
N TYR A 186 -23.31 -1.14 -6.53
CA TYR A 186 -24.32 -2.08 -6.02
C TYR A 186 -25.33 -1.35 -5.11
N TRP A 187 -25.50 -0.06 -5.37
CA TRP A 187 -26.38 0.79 -4.59
C TRP A 187 -27.80 0.23 -4.56
N GLY A 188 -28.44 0.34 -3.40
CA GLY A 188 -29.80 -0.15 -3.21
C GLY A 188 -29.86 -1.61 -2.78
N SER A 189 -28.72 -2.29 -2.74
CA SER A 189 -28.69 -3.67 -2.28
C SER A 189 -29.13 -3.75 -0.82
N LYS A 190 -29.85 -4.80 -0.46
N LYS A 190 -29.85 -4.80 -0.47
CA LYS A 190 -30.27 -5.02 0.92
CA LYS A 190 -30.28 -5.03 0.92
C LYS A 190 -29.10 -5.30 1.85
C LYS A 190 -29.10 -5.30 1.85
N ALA A 191 -27.93 -5.58 1.28
CA ALA A 191 -26.69 -5.74 2.07
C ALA A 191 -26.27 -4.43 2.75
N TYR A 192 -26.70 -3.30 2.18
CA TYR A 192 -26.50 -1.99 2.81
C TYR A 192 -27.57 -1.75 3.87
N VAL A 193 -27.15 -1.42 5.09
CA VAL A 193 -28.11 -1.22 6.18
C VAL A 193 -28.14 0.19 6.80
N LEU A 194 -27.18 1.04 6.47
CA LEU A 194 -27.11 2.36 7.10
C LEU A 194 -28.30 3.22 6.70
N PRO A 195 -28.77 4.10 7.62
CA PRO A 195 -29.73 5.11 7.22
C PRO A 195 -29.06 6.20 6.37
N PRO A 196 -29.85 6.92 5.56
CA PRO A 196 -29.35 8.00 4.70
C PRO A 196 -28.37 8.95 5.37
N GLU A 197 -28.68 9.38 6.59
N GLU A 197 -28.71 9.38 6.59
CA GLU A 197 -27.87 10.39 7.28
CA GLU A 197 -27.91 10.34 7.34
C GLU A 197 -26.48 9.86 7.65
C GLU A 197 -26.50 9.84 7.61
N ALA A 198 -26.39 8.57 7.99
CA ALA A 198 -25.08 7.95 8.26
C ALA A 198 -24.28 7.86 6.97
N ASN A 199 -24.95 7.54 5.86
CA ASN A 199 -24.31 7.52 4.56
C ASN A 199 -23.76 8.89 4.16
N LEU A 200 -24.54 9.94 4.36
CA LEU A 200 -24.08 11.29 4.03
C LEU A 200 -22.90 11.72 4.90
N MET A 201 -22.97 11.41 6.20
CA MET A 201 -21.87 11.69 7.12
C MET A 201 -20.58 11.03 6.63
N ALA A 202 -20.68 9.76 6.28
CA ALA A 202 -19.52 8.97 5.85
C ALA A 202 -18.95 9.44 4.51
N VAL A 203 -19.82 9.76 3.56
CA VAL A 203 -19.35 10.27 2.26
C VAL A 203 -18.67 11.62 2.44
N THR A 204 -19.20 12.44 3.35
CA THR A 204 -18.59 13.72 3.68
C THR A 204 -17.17 13.52 4.22
N HIS A 205 -17.01 12.53 5.09
CA HIS A 205 -15.70 12.25 5.67
C HIS A 205 -14.73 11.63 4.66
N TYR A 206 -15.26 10.89 3.69
CA TYR A 206 -14.50 10.42 2.52
C TYR A 206 -13.83 11.62 1.82
N LEU A 207 -14.61 12.66 1.57
CA LEU A 207 -14.09 13.86 0.91
C LEU A 207 -13.09 14.61 1.80
N GLU A 208 -13.41 14.72 3.09
CA GLU A 208 -12.51 15.38 4.04
C GLU A 208 -11.17 14.65 4.10
N ALA A 209 -11.22 13.32 4.18
CA ALA A 209 -10.01 12.52 4.30
C ALA A 209 -9.16 12.58 3.03
N LEU A 210 -9.83 12.66 1.87
CA LEU A 210 -9.11 12.76 0.59
C LEU A 210 -8.27 14.03 0.51
N ASP A 211 -8.80 15.13 1.04
CA ASP A 211 -8.06 16.40 1.08
C ASP A 211 -6.95 16.41 2.13
N LEU A 212 -7.21 15.81 3.29
CA LEU A 212 -6.27 15.85 4.42
C LEU A 212 -5.10 14.90 4.30
N GLN A 213 -5.33 13.74 3.66
CA GLN A 213 -4.29 12.70 3.60
C GLN A 213 -2.98 13.18 2.99
N LYS A 214 -3.05 14.14 2.07
CA LYS A 214 -1.85 14.68 1.43
C LYS A 214 -1.00 15.50 2.40
N GLU A 215 -1.59 16.00 3.48
CA GLU A 215 -0.83 16.76 4.47
C GLU A 215 0.02 15.86 5.33
N TRP A 216 -0.55 14.73 5.74
CA TRP A 216 0.11 13.82 6.68
C TRP A 216 1.45 13.32 6.15
N VAL A 217 1.52 13.03 4.86
CA VAL A 217 2.73 12.46 4.26
C VAL A 217 3.89 13.46 4.15
N LYS A 218 3.64 14.73 4.42
CA LYS A 218 4.71 15.71 4.40
C LYS A 218 5.77 15.41 5.46
N ILE A 219 5.41 14.61 6.47
CA ILE A 219 6.39 14.08 7.41
C ILE A 219 7.45 13.22 6.67
N HIS A 220 6.98 12.31 5.83
CA HIS A 220 7.87 11.52 4.95
C HIS A 220 8.72 12.44 4.07
N THR A 221 8.09 13.47 3.52
CA THR A 221 8.78 14.38 2.61
C THR A 221 9.96 15.08 3.30
N ILE A 222 9.77 15.47 4.55
N ILE A 222 9.75 15.49 4.54
CA ILE A 222 10.85 16.13 5.28
CA ILE A 222 10.81 16.11 5.33
C ILE A 222 12.02 15.19 5.56
C ILE A 222 12.00 15.18 5.52
N PHE A 223 11.74 14.00 6.09
CA PHE A 223 12.81 13.07 6.46
C PHE A 223 13.36 12.25 5.28
N GLY A 224 12.55 12.05 4.24
CA GLY A 224 12.88 11.17 3.14
C GLY A 224 12.76 11.74 1.73
N GLY A 225 12.50 13.05 1.62
CA GLY A 225 12.59 13.75 0.34
C GLY A 225 11.31 13.78 -0.49
N LYS A 226 10.48 12.75 -0.37
CA LYS A 226 9.32 12.59 -1.23
C LYS A 226 8.37 11.54 -0.68
N ASN A 227 7.10 11.66 -1.04
CA ASN A 227 6.12 10.60 -0.84
C ASN A 227 5.18 10.60 -2.03
N PRO A 228 4.91 9.42 -2.62
CA PRO A 228 5.44 8.10 -2.28
C PRO A 228 6.96 7.89 -2.47
N HIS A 229 7.46 6.81 -1.86
CA HIS A 229 8.84 6.31 -1.98
C HIS A 229 9.93 7.22 -1.40
N PRO A 230 9.81 7.53 -0.10
CA PRO A 230 10.87 8.26 0.58
C PRO A 230 12.18 7.48 0.65
N ASN A 231 13.29 8.20 0.74
CA ASN A 231 14.61 7.56 0.79
C ASN A 231 14.99 7.06 2.16
N TYR A 232 15.67 5.91 2.18
CA TYR A 232 16.19 5.28 3.39
C TYR A 232 17.71 5.13 3.21
N LEU A 233 18.38 4.52 4.20
CA LEU A 233 19.84 4.40 4.16
C LEU A 233 20.32 3.27 5.07
N VAL A 234 21.19 2.42 4.55
CA VAL A 234 21.84 1.42 5.40
C VAL A 234 22.78 2.14 6.37
N GLY A 235 22.54 1.95 7.67
CA GLY A 235 23.35 2.58 8.71
C GLY A 235 22.69 3.77 9.38
N GLY A 236 21.54 4.23 8.88
CA GLY A 236 20.85 5.35 9.52
C GLY A 236 19.84 6.03 8.63
N VAL A 237 19.86 7.36 8.62
CA VAL A 237 19.01 8.15 7.75
C VAL A 237 19.86 9.22 7.06
N PRO A 238 19.47 9.63 5.83
CA PRO A 238 20.22 10.67 5.12
C PRO A 238 19.97 12.11 5.57
N CYS A 239 18.90 12.33 6.34
CA CYS A 239 18.48 13.68 6.70
C CYS A 239 19.27 14.21 7.88
N ALA A 240 20.49 14.64 7.59
CA ALA A 240 21.42 15.13 8.61
C ALA A 240 20.87 16.34 9.36
N ILE A 241 21.31 16.49 10.61
CA ILE A 241 20.74 17.45 11.57
C ILE A 241 21.69 18.60 11.85
N ASN A 242 21.13 19.81 11.86
CA ASN A 242 21.82 21.00 12.35
C ASN A 242 20.79 22.05 12.77
N LEU A 243 20.80 22.39 14.04
CA LEU A 243 19.92 23.44 14.56
C LEU A 243 20.45 24.86 14.32
N ASP A 244 21.77 25.03 14.43
CA ASP A 244 22.39 26.35 14.42
C ASP A 244 21.64 27.37 15.28
N GLY A 247 24.30 28.04 10.31
CA GLY A 247 23.97 27.50 8.99
C GLY A 247 22.95 26.37 9.04
N ALA A 248 21.94 26.52 9.88
CA ALA A 248 20.93 25.47 10.08
C ALA A 248 20.00 25.32 8.89
N ALA A 249 19.78 26.42 8.18
CA ALA A 249 18.89 26.42 7.01
C ALA A 249 19.32 25.43 5.93
N SER A 250 20.62 25.15 5.88
CA SER A 250 21.20 24.28 4.86
C SER A 250 21.09 22.78 5.17
N ALA A 251 20.90 22.43 6.45
CA ALA A 251 20.77 21.02 6.84
C ALA A 251 19.35 20.48 6.57
N PRO A 252 19.26 19.21 6.17
CA PRO A 252 17.96 18.57 5.98
C PRO A 252 17.02 18.71 7.20
N VAL A 253 17.55 18.54 8.40
CA VAL A 253 16.73 18.64 9.61
C VAL A 253 17.26 19.75 10.49
N ASN A 254 16.41 20.75 10.72
CA ASN A 254 16.63 21.81 11.70
C ASN A 254 15.38 21.92 12.57
N MET A 255 15.37 22.84 13.52
N MET A 255 15.37 22.84 13.52
CA MET A 255 14.24 22.96 14.44
CA MET A 255 14.23 22.95 14.44
C MET A 255 12.94 23.34 13.72
C MET A 255 12.94 23.34 13.72
N GLU A 256 13.05 24.21 12.71
CA GLU A 256 11.88 24.64 11.95
C GLU A 256 11.21 23.45 11.28
N ARG A 257 12.01 22.57 10.69
CA ARG A 257 11.50 21.35 10.05
C ARG A 257 10.87 20.43 11.08
N LEU A 258 11.49 20.31 12.25
CA LEU A 258 10.92 19.49 13.32
C LEU A 258 9.60 20.05 13.86
N SER A 259 9.49 21.37 13.95
CA SER A 259 8.23 21.99 14.37
C SER A 259 7.13 21.71 13.35
N PHE A 260 7.47 21.76 12.06
CA PHE A 260 6.53 21.42 10.99
C PHE A 260 6.02 19.99 11.15
N VAL A 261 6.93 19.06 11.42
CA VAL A 261 6.55 17.64 11.63
C VAL A 261 5.56 17.52 12.80
N LYS A 262 5.83 18.23 13.89
CA LYS A 262 4.97 18.19 15.07
C LYS A 262 3.57 18.70 14.76
N ALA A 263 3.48 19.77 13.98
CA ALA A 263 2.18 20.32 13.57
C ALA A 263 1.38 19.28 12.78
N ARG A 264 2.06 18.53 11.92
CA ARG A 264 1.40 17.48 11.14
C ARG A 264 0.96 16.33 12.05
N ILE A 265 1.80 15.96 13.01
CA ILE A 265 1.45 14.90 13.97
C ILE A 265 0.20 15.28 14.77
N ASP A 266 0.14 16.53 15.23
CA ASP A 266 -1.00 17.00 16.02
C ASP A 266 -2.30 16.92 15.22
N GLU A 267 -2.24 17.25 13.94
CA GLU A 267 -3.40 17.17 13.05
C GLU A 267 -3.87 15.73 12.88
N ILE A 268 -2.91 14.81 12.75
CA ILE A 268 -3.19 13.39 12.64
C ILE A 268 -3.96 12.87 13.86
N ILE A 269 -3.51 13.30 15.04
CA ILE A 269 -4.13 12.88 16.29
C ILE A 269 -5.58 13.34 16.35
N GLU A 270 -5.84 14.57 15.90
CA GLU A 270 -7.21 15.08 15.84
C GLU A 270 -8.07 14.28 14.87
N PHE A 271 -7.53 13.96 13.70
CA PHE A 271 -8.30 13.23 12.70
C PHE A 271 -8.69 11.83 13.18
N ASN A 272 -7.73 11.11 13.75
CA ASN A 272 -8.00 9.75 14.24
C ASN A 272 -9.06 9.74 15.34
N LYS A 273 -8.94 10.70 16.26
CA LYS A 273 -9.79 10.78 17.44
C LYS A 273 -11.20 11.29 17.09
N ASN A 274 -11.29 12.25 16.18
CA ASN A 274 -12.57 12.94 15.91
C ASN A 274 -13.34 12.45 14.69
N VAL A 275 -12.65 11.82 13.74
CA VAL A 275 -13.27 11.42 12.48
C VAL A 275 -13.24 9.90 12.28
N TYR A 276 -12.04 9.34 12.23
CA TYR A 276 -11.85 7.94 11.81
C TYR A 276 -12.37 6.92 12.83
N VAL A 277 -11.88 6.99 14.06
CA VAL A 277 -12.31 6.04 15.09
C VAL A 277 -13.83 6.12 15.36
N PRO A 278 -14.38 7.35 15.53
CA PRO A 278 -15.83 7.45 15.72
C PRO A 278 -16.66 6.88 14.57
N ASP A 279 -16.26 7.15 13.33
CA ASP A 279 -17.00 6.61 12.18
C ASP A 279 -17.02 5.08 12.19
N VAL A 280 -15.88 4.48 12.46
CA VAL A 280 -15.78 3.02 12.46
C VAL A 280 -16.59 2.41 13.61
N LEU A 281 -16.53 3.03 14.79
CA LEU A 281 -17.37 2.60 15.91
C LEU A 281 -18.86 2.68 15.57
N ALA A 282 -19.28 3.77 14.93
CA ALA A 282 -20.70 3.96 14.60
C ALA A 282 -21.17 2.99 13.51
N ILE A 283 -20.40 2.86 12.44
CA ILE A 283 -20.75 1.96 11.34
C ILE A 283 -20.74 0.51 11.84
N GLY A 284 -19.72 0.17 12.63
CA GLY A 284 -19.62 -1.16 13.24
C GLY A 284 -20.79 -1.49 14.15
N THR A 285 -21.23 -0.52 14.93
CA THR A 285 -22.41 -0.68 15.79
C THR A 285 -23.65 -1.01 14.96
N LEU A 286 -23.85 -0.25 13.88
CA LEU A 286 -25.05 -0.42 13.07
C LEU A 286 -25.06 -1.75 12.32
N TYR A 287 -23.90 -2.19 11.81
CA TYR A 287 -23.84 -3.51 11.16
C TYR A 287 -23.87 -4.66 12.18
N LYS A 288 -23.34 -4.43 13.38
CA LYS A 288 -23.52 -5.36 14.49
C LYS A 288 -25.01 -5.54 14.81
N GLN A 289 -25.74 -4.43 14.88
CA GLN A 289 -27.18 -4.45 15.16
C GLN A 289 -27.97 -5.20 14.09
N ALA A 290 -27.50 -5.10 12.84
CA ALA A 290 -28.08 -5.88 11.74
C ALA A 290 -27.66 -7.36 11.77
N GLY A 291 -26.77 -7.73 12.69
CA GLY A 291 -26.33 -9.11 12.84
C GLY A 291 -25.22 -9.56 11.88
N TRP A 292 -24.54 -8.61 11.25
CA TRP A 292 -23.51 -8.95 10.26
C TRP A 292 -22.15 -9.15 10.93
N LEU A 293 -22.00 -10.30 11.59
N LEU A 293 -22.01 -10.30 11.60
CA LEU A 293 -20.77 -10.62 12.32
CA LEU A 293 -20.78 -10.63 12.33
C LEU A 293 -19.93 -11.68 11.59
C LEU A 293 -19.93 -11.67 11.60
N TYR A 294 -20.14 -11.80 10.28
CA TYR A 294 -19.40 -12.75 9.47
C TYR A 294 -17.95 -12.30 9.24
N GLY A 295 -17.14 -13.23 8.73
CA GLY A 295 -15.81 -12.89 8.24
C GLY A 295 -14.65 -13.12 9.19
N GLY A 296 -14.91 -13.75 10.33
CA GLY A 296 -13.85 -14.02 11.30
C GLY A 296 -12.71 -14.88 10.76
N GLY A 297 -13.05 -15.90 9.97
CA GLY A 297 -12.04 -16.78 9.38
C GLY A 297 -11.06 -17.33 10.41
N LEU A 298 -9.76 -17.18 10.12
CA LEU A 298 -8.72 -17.69 11.01
C LEU A 298 -8.48 -16.83 12.25
N ALA A 299 -9.02 -15.60 12.26
CA ALA A 299 -8.84 -14.72 13.41
C ALA A 299 -9.36 -15.34 14.71
N ALA A 300 -10.35 -16.22 14.59
CA ALA A 300 -10.92 -16.92 15.73
C ALA A 300 -10.00 -18.00 16.31
N THR A 301 -8.97 -18.39 15.56
CA THR A 301 -8.04 -19.42 16.03
C THR A 301 -6.57 -19.01 16.03
N ASN A 302 -6.04 -18.66 14.86
CA ASN A 302 -4.60 -18.54 14.68
C ASN A 302 -4.20 -17.15 14.20
N VAL A 303 -3.47 -16.41 15.04
CA VAL A 303 -2.95 -15.09 14.65
C VAL A 303 -1.46 -14.93 14.96
N LEU A 304 -0.79 -14.12 14.15
CA LEU A 304 0.66 -13.93 14.23
C LEU A 304 1.08 -12.51 13.90
N ASP A 305 2.10 -12.02 14.60
CA ASP A 305 2.85 -10.81 14.24
C ASP A 305 4.24 -10.94 14.85
N TYR A 306 5.24 -10.32 14.23
CA TYR A 306 6.60 -10.40 14.75
C TYR A 306 6.83 -9.54 15.99
N GLY A 307 5.96 -8.57 16.22
CA GLY A 307 6.11 -7.63 17.33
C GLY A 307 6.94 -6.43 16.91
N GLU A 308 6.55 -5.25 17.38
CA GLU A 308 7.11 -4.01 16.86
C GLU A 308 7.03 -2.85 17.85
N TYR A 309 7.81 -1.80 17.54
CA TYR A 309 7.80 -0.51 18.24
C TYR A 309 8.32 -0.61 19.68
N PRO A 310 9.57 -1.08 19.84
CA PRO A 310 10.12 -1.16 21.19
C PRO A 310 10.39 0.23 21.76
N ASN A 311 9.99 0.42 23.02
N ASN A 311 10.02 0.45 23.02
CA ASN A 311 10.29 1.65 23.76
CA ASN A 311 10.29 1.73 23.66
C ASN A 311 11.79 1.92 23.81
C ASN A 311 11.80 1.94 23.90
N VAL A 312 12.56 0.84 23.98
CA VAL A 312 14.01 0.91 24.03
C VAL A 312 14.53 0.19 22.79
N ALA A 313 15.28 0.89 21.95
CA ALA A 313 15.75 0.33 20.69
C ALA A 313 16.54 -0.96 20.93
N TYR A 314 16.36 -1.91 20.01
CA TYR A 314 17.03 -3.21 20.06
C TYR A 314 16.68 -4.06 21.31
N ASN A 315 15.58 -3.72 21.98
CA ASN A 315 15.10 -4.47 23.13
C ASN A 315 13.66 -4.92 22.90
N LYS A 316 13.52 -6.15 22.44
CA LYS A 316 12.25 -6.66 21.96
C LYS A 316 11.20 -6.83 23.07
N SER A 317 11.64 -7.03 24.31
CA SER A 317 10.72 -7.13 25.44
C SER A 317 9.90 -5.85 25.65
N THR A 318 10.37 -4.73 25.10
CA THR A 318 9.67 -3.46 25.24
C THR A 318 8.77 -3.08 24.05
N ASP A 319 8.51 -4.03 23.14
CA ASP A 319 7.61 -3.81 22.01
C ASP A 319 6.24 -3.29 22.47
N GLN A 320 5.81 -2.17 21.89
CA GLN A 320 4.54 -1.54 22.25
C GLN A 320 3.36 -2.14 21.46
N LEU A 321 3.66 -2.87 20.40
CA LEU A 321 2.73 -3.86 19.83
C LEU A 321 3.40 -5.21 19.94
N PRO A 322 3.32 -5.84 21.12
CA PRO A 322 4.04 -7.09 21.35
C PRO A 322 3.42 -8.23 20.54
N GLY A 323 4.29 -9.04 19.96
CA GLY A 323 3.87 -10.05 19.00
C GLY A 323 4.00 -11.47 19.52
N GLY A 324 4.10 -12.39 18.57
CA GLY A 324 4.12 -13.82 18.86
C GLY A 324 3.03 -14.50 18.06
N ALA A 325 2.67 -15.71 18.48
CA ALA A 325 1.65 -16.48 17.79
C ALA A 325 0.65 -17.05 18.79
N ILE A 326 -0.63 -17.02 18.40
CA ILE A 326 -1.71 -17.66 19.14
C ILE A 326 -2.28 -18.77 18.24
N LEU A 327 -2.59 -19.92 18.83
CA LEU A 327 -3.19 -21.04 18.12
C LEU A 327 -4.49 -21.47 18.76
N ASN A 328 -5.40 -22.00 17.94
CA ASN A 328 -6.62 -22.64 18.42
C ASN A 328 -7.52 -21.75 19.30
N GLY A 329 -7.37 -20.43 19.15
CA GLY A 329 -8.19 -19.48 19.88
C GLY A 329 -7.87 -19.40 21.36
N ASN A 330 -6.71 -19.94 21.77
CA ASN A 330 -6.29 -19.87 23.16
C ASN A 330 -5.51 -18.58 23.42
N TRP A 331 -6.21 -17.57 23.94
CA TRP A 331 -5.61 -16.26 24.17
C TRP A 331 -4.80 -16.21 25.48
N ASP A 332 -4.77 -17.32 26.22
CA ASP A 332 -3.95 -17.43 27.44
C ASP A 332 -2.53 -17.90 27.17
N GLU A 333 -2.18 -18.21 25.93
CA GLU A 333 -0.85 -18.71 25.59
C GLU A 333 -0.33 -18.06 24.31
N VAL A 334 0.61 -17.12 24.45
CA VAL A 334 1.26 -16.53 23.29
C VAL A 334 2.62 -17.20 23.09
N PHE A 335 2.79 -17.85 21.94
CA PHE A 335 4.06 -18.48 21.62
C PHE A 335 5.02 -17.45 21.04
N PRO A 336 6.32 -17.51 21.43
CA PRO A 336 7.27 -16.59 20.83
C PRO A 336 7.54 -16.95 19.38
N VAL A 337 7.72 -15.95 18.53
CA VAL A 337 8.02 -16.14 17.12
C VAL A 337 9.45 -15.68 16.82
N ASP A 338 10.24 -16.58 16.25
CA ASP A 338 11.64 -16.33 15.90
C ASP A 338 11.82 -16.41 14.39
N PRO A 339 12.01 -15.25 13.73
CA PRO A 339 12.21 -15.28 12.27
C PRO A 339 13.52 -15.94 11.78
N ARG A 340 14.43 -16.25 12.70
N ARG A 340 14.43 -16.25 12.69
CA ARG A 340 15.68 -16.95 12.37
CA ARG A 340 15.67 -16.95 12.36
C ARG A 340 15.53 -18.46 12.39
C ARG A 340 15.50 -18.46 12.34
N ASP A 341 14.44 -18.96 12.97
CA ASP A 341 14.26 -20.39 13.18
C ASP A 341 13.72 -21.06 11.92
N SER A 342 14.52 -21.94 11.32
CA SER A 342 14.16 -22.59 10.05
C SER A 342 12.88 -23.41 10.11
N GLN A 343 12.47 -23.78 11.32
CA GLN A 343 11.27 -24.59 11.50
C GLN A 343 10.00 -23.78 11.74
N GLN A 344 10.11 -22.45 11.81
CA GLN A 344 8.95 -21.59 12.10
C GLN A 344 8.34 -21.04 10.82
N VAL A 345 8.85 -19.93 10.29
CA VAL A 345 8.28 -19.36 9.06
C VAL A 345 8.78 -20.14 7.85
N GLN A 346 7.86 -20.71 7.09
CA GLN A 346 8.18 -21.48 5.89
C GLN A 346 7.15 -21.18 4.82
N GLU A 347 7.57 -21.23 3.55
CA GLU A 347 6.66 -21.01 2.43
C GLU A 347 6.57 -22.25 1.55
N PHE A 348 5.32 -22.65 1.28
CA PHE A 348 5.02 -23.74 0.36
C PHE A 348 4.64 -23.15 -0.99
N VAL A 349 4.82 -23.95 -2.06
CA VAL A 349 4.37 -23.57 -3.40
C VAL A 349 3.53 -24.64 -4.07
N SER A 350 3.01 -25.59 -3.28
CA SER A 350 2.21 -26.70 -3.81
C SER A 350 1.07 -26.22 -4.70
N HIS A 351 0.43 -25.12 -4.30
CA HIS A 351 -0.70 -24.58 -5.05
C HIS A 351 -0.40 -23.18 -5.62
N SER A 352 0.89 -22.88 -5.78
CA SER A 352 1.34 -21.58 -6.32
C SER A 352 2.11 -21.79 -7.63
N TRP A 353 2.20 -20.74 -8.45
CA TRP A 353 2.85 -20.82 -9.76
C TRP A 353 4.38 -20.67 -9.66
N TYR A 354 4.98 -21.54 -8.85
CA TYR A 354 6.42 -21.64 -8.68
C TYR A 354 6.81 -23.11 -8.60
N LYS A 355 8.11 -23.37 -8.59
N LYS A 355 8.12 -23.36 -8.57
CA LYS A 355 8.60 -24.74 -8.44
CA LYS A 355 8.65 -24.72 -8.50
C LYS A 355 9.74 -24.84 -7.46
C LYS A 355 9.76 -24.83 -7.44
N TYR A 356 9.72 -25.90 -6.66
CA TYR A 356 10.81 -26.29 -5.77
C TYR A 356 11.34 -27.64 -6.22
N ALA A 357 12.49 -28.02 -5.69
CA ALA A 357 13.03 -29.37 -5.89
C ALA A 357 12.13 -30.40 -5.23
N ASP A 358 11.54 -30.04 -4.10
CA ASP A 358 10.56 -30.88 -3.42
C ASP A 358 9.44 -29.99 -2.90
N GLU A 359 8.26 -30.11 -3.50
CA GLU A 359 7.12 -29.27 -3.11
C GLU A 359 6.28 -29.80 -1.95
N SER A 360 6.70 -30.94 -1.39
N SER A 360 6.69 -30.92 -1.37
N SER A 360 6.68 -30.93 -1.37
CA SER A 360 6.08 -31.48 -0.18
CA SER A 360 6.06 -31.45 -0.17
CA SER A 360 6.04 -31.45 -0.18
C SER A 360 6.53 -30.75 1.08
C SER A 360 6.53 -30.74 1.09
C SER A 360 6.54 -30.77 1.09
N VAL A 361 7.55 -29.91 0.96
CA VAL A 361 8.09 -29.14 2.10
C VAL A 361 7.98 -27.64 1.90
N GLY A 362 8.01 -26.92 3.01
CA GLY A 362 8.07 -25.46 2.99
C GLY A 362 9.48 -25.01 3.28
N LEU A 363 9.91 -23.93 2.63
CA LEU A 363 11.26 -23.41 2.79
C LEU A 363 11.27 -22.16 3.67
N HIS A 364 12.19 -22.14 4.64
CA HIS A 364 12.45 -20.93 5.39
C HIS A 364 13.07 -19.93 4.42
N PRO A 365 12.80 -18.63 4.60
CA PRO A 365 13.20 -17.70 3.54
C PRO A 365 14.70 -17.52 3.29
N TRP A 366 15.56 -17.84 4.27
CA TRP A 366 17.01 -17.87 3.99
C TRP A 366 17.37 -18.96 2.97
N ASP A 367 16.51 -19.96 2.86
CA ASP A 367 16.66 -21.03 1.88
C ASP A 367 15.60 -20.95 0.78
N GLY A 368 14.97 -19.79 0.64
CA GLY A 368 13.85 -19.64 -0.29
C GLY A 368 14.28 -19.67 -1.75
N VAL A 369 13.33 -20.07 -2.61
CA VAL A 369 13.57 -20.23 -4.03
C VAL A 369 12.41 -19.60 -4.79
N THR A 370 12.71 -18.79 -5.80
CA THR A 370 11.66 -18.16 -6.60
C THR A 370 11.89 -18.41 -8.08
N GLU A 371 11.31 -19.51 -8.56
N GLU A 371 11.29 -19.49 -8.57
CA GLU A 371 11.36 -19.86 -9.97
CA GLU A 371 11.36 -19.86 -9.97
C GLU A 371 9.93 -19.99 -10.48
C GLU A 371 9.94 -20.00 -10.50
N PRO A 372 9.52 -19.12 -11.43
CA PRO A 372 8.14 -19.15 -11.88
C PRO A 372 7.75 -20.44 -12.60
N ASN A 373 6.48 -20.80 -12.50
CA ASN A 373 5.96 -22.01 -13.13
C ASN A 373 4.46 -21.81 -13.36
N TYR A 374 4.12 -21.07 -14.40
CA TYR A 374 2.72 -20.79 -14.70
C TYR A 374 2.11 -21.94 -15.48
N VAL A 375 1.35 -22.77 -14.77
CA VAL A 375 0.68 -23.94 -15.33
C VAL A 375 -0.66 -24.11 -14.63
N LEU A 376 -1.67 -24.51 -15.40
CA LEU A 376 -3.03 -24.64 -14.88
C LEU A 376 -3.44 -26.10 -14.83
N GLY A 377 -4.25 -26.45 -13.84
CA GLY A 377 -4.67 -27.83 -13.64
C GLY A 377 -5.58 -28.37 -14.73
N ALA A 378 -5.71 -29.69 -14.77
CA ALA A 378 -6.50 -30.36 -15.81
C ALA A 378 -7.99 -30.05 -15.74
N ASN A 379 -8.46 -29.60 -14.57
CA ASN A 379 -9.89 -29.34 -14.37
C ASN A 379 -10.24 -27.87 -14.60
N THR A 380 -9.28 -27.09 -15.10
CA THR A 380 -9.53 -25.70 -15.46
C THR A 380 -10.62 -25.62 -16.52
N LYS A 381 -11.49 -24.62 -16.42
CA LYS A 381 -12.39 -24.28 -17.51
C LYS A 381 -11.83 -23.08 -18.26
N GLY A 382 -11.70 -23.21 -19.57
CA GLY A 382 -11.04 -22.20 -20.39
C GLY A 382 -9.64 -22.65 -20.79
N THR A 383 -8.81 -21.69 -21.18
CA THR A 383 -7.46 -21.98 -21.68
C THR A 383 -6.39 -21.26 -20.85
N ARG A 384 -5.14 -21.52 -21.18
CA ARG A 384 -4.00 -20.86 -20.53
C ARG A 384 -4.10 -19.33 -20.53
N THR A 385 -4.66 -18.75 -21.58
CA THR A 385 -4.76 -17.29 -21.69
C THR A 385 -6.20 -16.75 -21.64
N ARG A 386 -7.14 -17.60 -21.24
N ARG A 386 -7.15 -17.60 -21.28
CA ARG A 386 -8.54 -17.21 -21.14
CA ARG A 386 -8.54 -17.17 -21.12
C ARG A 386 -9.22 -18.09 -20.12
C ARG A 386 -9.22 -18.09 -20.12
N ILE A 387 -9.01 -17.79 -18.85
CA ILE A 387 -9.51 -18.59 -17.75
C ILE A 387 -10.98 -18.23 -17.48
N GLU A 388 -11.85 -19.23 -17.44
N GLU A 388 -11.81 -19.27 -17.38
CA GLU A 388 -13.26 -19.01 -17.10
CA GLU A 388 -13.22 -19.13 -17.00
C GLU A 388 -13.51 -19.37 -15.62
C GLU A 388 -13.47 -19.63 -15.57
N GLN A 389 -12.93 -20.51 -15.21
N GLN A 389 -12.97 -20.82 -15.23
CA GLN A 389 -12.94 -20.98 -13.81
CA GLN A 389 -13.05 -21.28 -13.86
C GLN A 389 -11.59 -21.60 -13.44
C GLN A 389 -11.74 -21.95 -13.50
N ILE A 390 -10.89 -21.03 -12.46
N ILE A 390 -10.97 -21.24 -12.65
CA ILE A 390 -9.60 -21.57 -12.02
CA ILE A 390 -9.66 -21.72 -12.23
C ILE A 390 -9.73 -22.92 -11.29
C ILE A 390 -9.79 -22.99 -11.41
N ASP A 391 -8.74 -23.80 -11.47
CA ASP A 391 -8.73 -25.12 -10.84
C ASP A 391 -7.90 -25.08 -9.55
N GLU A 392 -8.57 -24.90 -8.43
CA GLU A 392 -7.89 -24.75 -7.13
C GLU A 392 -7.35 -26.06 -6.54
N SER A 393 -7.59 -27.18 -7.21
CA SER A 393 -6.95 -28.45 -6.84
C SER A 393 -5.48 -28.50 -7.27
N ALA A 394 -5.09 -27.60 -8.17
CA ALA A 394 -3.72 -27.53 -8.67
C ALA A 394 -3.12 -26.16 -8.32
N LYS A 395 -2.24 -25.63 -9.18
CA LYS A 395 -1.60 -24.34 -8.90
C LYS A 395 -2.48 -23.19 -9.38
N TYR A 396 -2.78 -22.25 -8.48
CA TYR A 396 -3.80 -21.24 -8.78
C TYR A 396 -3.51 -19.82 -8.34
N SER A 397 -2.25 -19.50 -8.09
CA SER A 397 -1.90 -18.17 -7.59
C SER A 397 -0.42 -17.84 -7.72
N TRP A 398 -0.13 -16.56 -7.92
CA TRP A 398 1.24 -16.05 -7.89
C TRP A 398 1.71 -15.79 -6.46
N ILE A 399 0.83 -16.01 -5.47
CA ILE A 399 1.17 -15.85 -4.07
C ILE A 399 1.66 -17.19 -3.52
N LYS A 400 2.82 -17.19 -2.85
CA LYS A 400 3.30 -18.36 -2.12
C LYS A 400 2.46 -18.60 -0.86
N SER A 401 2.68 -19.72 -0.18
CA SER A 401 1.90 -20.09 1.00
C SER A 401 2.75 -20.12 2.28
N PRO A 402 2.82 -18.98 3.00
CA PRO A 402 3.58 -18.99 4.25
C PRO A 402 2.78 -19.64 5.38
N ARG A 403 3.47 -20.43 6.18
CA ARG A 403 2.89 -21.04 7.37
C ARG A 403 3.87 -20.87 8.53
N TRP A 404 3.37 -20.99 9.76
CA TRP A 404 4.21 -20.91 10.96
C TRP A 404 4.14 -22.22 11.70
N ARG A 405 5.28 -22.92 11.78
CA ARG A 405 5.33 -24.30 12.28
C ARG A 405 4.24 -25.15 11.63
N GLY A 406 3.97 -24.91 10.35
CA GLY A 406 2.95 -25.66 9.62
C GLY A 406 1.53 -25.10 9.69
N HIS A 407 1.28 -24.15 10.60
CA HIS A 407 -0.06 -23.61 10.82
C HIS A 407 -0.35 -22.42 9.91
N ALA A 408 -1.59 -22.34 9.43
CA ALA A 408 -2.06 -21.17 8.68
C ALA A 408 -2.51 -20.10 9.66
N MET A 409 -2.02 -18.88 9.46
CA MET A 409 -2.20 -17.78 10.42
C MET A 409 -2.81 -16.58 9.71
N GLU A 410 -3.60 -15.80 10.43
CA GLU A 410 -4.00 -14.47 9.96
C GLU A 410 -3.02 -13.45 10.53
N VAL A 411 -2.67 -12.46 9.72
CA VAL A 411 -1.81 -11.36 10.14
C VAL A 411 -2.53 -10.04 9.89
N GLY A 412 -2.09 -8.99 10.56
CA GLY A 412 -2.67 -7.65 10.38
C GLY A 412 -2.95 -6.92 11.67
N PRO A 413 -3.57 -5.74 11.58
CA PRO A 413 -3.90 -4.98 12.79
C PRO A 413 -4.74 -5.79 13.78
N LEU A 414 -5.71 -6.56 13.27
CA LEU A 414 -6.53 -7.38 14.15
C LEU A 414 -5.68 -8.40 14.91
N SER A 415 -4.78 -9.06 14.21
CA SER A 415 -3.85 -9.99 14.83
C SER A 415 -3.01 -9.32 15.92
N ARG A 416 -2.48 -8.14 15.61
CA ARG A 416 -1.70 -7.37 16.59
C ARG A 416 -2.54 -6.96 17.81
N TYR A 417 -3.81 -6.65 17.59
CA TYR A 417 -4.66 -6.22 18.70
C TYR A 417 -5.10 -7.39 19.57
N ILE A 418 -5.37 -8.55 18.95
CA ILE A 418 -5.60 -9.76 19.72
C ILE A 418 -4.36 -10.15 20.53
N LEU A 419 -3.19 -10.07 19.90
CA LEU A 419 -1.94 -10.37 20.60
C LEU A 419 -1.69 -9.39 21.74
N ALA A 420 -1.93 -8.10 21.49
CA ALA A 420 -1.74 -7.09 22.52
C ALA A 420 -2.65 -7.37 23.71
N TYR A 421 -3.92 -7.66 23.42
CA TYR A 421 -4.90 -7.99 24.45
C TYR A 421 -4.44 -9.19 25.29
N ALA A 422 -3.99 -10.24 24.61
CA ALA A 422 -3.49 -11.45 25.27
C ALA A 422 -2.27 -11.14 26.15
N HIS A 423 -1.33 -10.38 25.61
CA HIS A 423 -0.14 -9.95 26.37
C HIS A 423 -0.53 -9.13 27.61
N ALA A 424 -1.43 -8.17 27.42
CA ALA A 424 -1.86 -7.30 28.52
C ALA A 424 -2.49 -8.09 29.67
N ARG A 425 -3.21 -9.16 29.33
N ARG A 425 -3.29 -9.10 29.35
CA ARG A 425 -3.77 -10.07 30.31
CA ARG A 425 -3.96 -9.89 30.38
C ARG A 425 -2.70 -10.98 30.96
C ARG A 425 -2.99 -10.82 31.13
N SER A 426 -1.58 -11.21 30.27
N SER A 426 -1.86 -11.12 30.49
CA SER A 426 -0.48 -11.93 30.89
CA SER A 426 -0.77 -11.91 31.10
C SER A 426 0.35 -11.05 31.84
C SER A 426 0.24 -11.06 31.90
N GLY A 427 0.03 -9.75 31.90
CA GLY A 427 0.81 -8.83 32.74
C GLY A 427 1.72 -7.87 31.99
N ASN A 428 1.72 -7.93 30.66
CA ASN A 428 2.57 -7.06 29.85
C ASN A 428 2.09 -5.61 29.89
N LYS A 429 2.89 -4.74 30.51
N LYS A 429 2.88 -4.74 30.51
CA LYS A 429 2.51 -3.34 30.70
CA LYS A 429 2.49 -3.34 30.68
C LYS A 429 2.64 -2.51 29.41
C LYS A 429 2.64 -2.51 29.41
N TYR A 430 3.46 -2.98 28.48
CA TYR A 430 3.69 -2.24 27.22
C TYR A 430 2.45 -2.23 26.30
N ALA A 431 1.52 -3.14 26.57
CA ALA A 431 0.30 -3.28 25.76
C ALA A 431 -0.93 -2.64 26.41
N GLU A 432 -0.74 -1.82 27.43
CA GLU A 432 -1.89 -1.27 28.16
C GLU A 432 -2.79 -0.40 27.29
N ARG A 433 -2.21 0.38 26.39
CA ARG A 433 -3.02 1.31 25.58
C ARG A 433 -3.96 0.59 24.60
N PRO A 434 -3.43 -0.40 23.83
CA PRO A 434 -4.38 -1.14 22.96
C PRO A 434 -5.47 -1.88 23.73
N LYS A 435 -5.16 -2.41 24.92
CA LYS A 435 -6.20 -3.03 25.76
C LYS A 435 -7.27 -2.02 26.14
N GLU A 436 -6.85 -0.83 26.54
CA GLU A 436 -7.77 0.27 26.88
C GLU A 436 -8.65 0.62 25.69
N GLN A 437 -8.04 0.72 24.51
CA GLN A 437 -8.79 1.02 23.29
C GLN A 437 -9.87 -0.01 22.99
N LEU A 438 -9.53 -1.28 23.19
CA LEU A 438 -10.46 -2.37 22.89
C LEU A 438 -11.63 -2.38 23.85
N GLU A 439 -11.35 -2.21 25.13
CA GLU A 439 -12.41 -2.20 26.14
C GLU A 439 -13.30 -0.97 25.95
N TYR A 440 -12.71 0.17 25.64
CA TYR A 440 -13.47 1.37 25.29
C TYR A 440 -14.39 1.10 24.09
N SER A 441 -13.82 0.52 23.05
CA SER A 441 -14.55 0.24 21.82
C SER A 441 -15.73 -0.71 22.01
N ALA A 442 -15.52 -1.76 22.79
CA ALA A 442 -16.58 -2.73 23.06
C ALA A 442 -17.74 -2.05 23.78
N GLN A 443 -17.40 -1.21 24.76
CA GLN A 443 -18.41 -0.49 25.54
C GLN A 443 -19.21 0.47 24.64
N MET A 444 -18.52 1.15 23.72
CA MET A 444 -19.18 2.03 22.75
C MET A 444 -20.11 1.24 21.84
N ILE A 445 -19.62 0.12 21.32
CA ILE A 445 -20.35 -0.69 20.34
C ILE A 445 -21.54 -1.41 20.97
N ASN A 446 -21.35 -1.90 22.19
CA ASN A 446 -22.37 -2.63 22.93
C ASN A 446 -23.43 -1.77 23.62
N SER A 447 -23.01 -0.63 24.17
N SER A 447 -23.01 -0.63 24.18
CA SER A 447 -23.88 0.14 25.08
CA SER A 447 -23.86 0.13 25.10
C SER A 447 -24.04 1.60 24.69
C SER A 447 -24.04 1.60 24.70
N ALA A 448 -22.94 2.36 24.68
CA ALA A 448 -23.00 3.82 24.51
C ALA A 448 -23.61 4.28 23.18
N ILE A 449 -23.14 3.73 22.06
CA ILE A 449 -23.68 4.16 20.76
C ILE A 449 -25.13 3.68 20.55
N PRO A 450 -25.43 2.42 20.89
CA PRO A 450 -26.83 2.00 20.85
C PRO A 450 -27.76 2.88 21.70
N LYS A 451 -27.31 3.23 22.90
CA LYS A 451 -28.09 4.10 23.80
C LYS A 451 -28.35 5.46 23.16
N ALA A 452 -27.33 6.02 22.52
CA ALA A 452 -27.43 7.33 21.87
C ALA A 452 -28.32 7.32 20.62
N LEU A 453 -28.40 6.18 19.94
CA LEU A 453 -29.18 6.06 18.71
C LEU A 453 -30.54 5.38 18.94
N GLY A 454 -30.83 5.03 20.20
CA GLY A 454 -32.11 4.43 20.56
C GLY A 454 -32.24 2.98 20.13
N LEU A 455 -31.10 2.29 20.05
CA LEU A 455 -31.07 0.88 19.69
C LEU A 455 -30.87 0.05 20.95
N PRO A 456 -31.24 -1.25 20.90
CA PRO A 456 -31.03 -2.09 22.08
C PRO A 456 -29.55 -2.33 22.37
N GLU A 457 -29.23 -2.47 23.65
CA GLU A 457 -27.86 -2.75 24.07
C GLU A 457 -27.54 -4.23 23.88
N THR A 458 -26.29 -4.52 23.52
CA THR A 458 -25.84 -5.90 23.38
C THR A 458 -24.76 -6.20 24.41
N GLN A 459 -24.35 -7.46 24.51
CA GLN A 459 -23.38 -7.88 25.53
C GLN A 459 -22.29 -8.76 24.92
N TYR A 460 -21.85 -8.43 23.72
CA TYR A 460 -20.77 -9.17 23.07
C TYR A 460 -19.47 -8.97 23.84
N THR A 461 -18.73 -10.05 24.05
CA THR A 461 -17.38 -9.94 24.59
C THR A 461 -16.40 -9.62 23.45
N LEU A 462 -15.19 -9.23 23.81
CA LEU A 462 -14.15 -9.01 22.79
C LEU A 462 -13.81 -10.30 22.03
N LYS A 463 -13.88 -11.43 22.72
CA LYS A 463 -13.62 -12.75 22.11
C LYS A 463 -14.62 -13.04 21.00
N GLN A 464 -15.86 -12.59 21.20
CA GLN A 464 -16.93 -12.78 20.22
C GLN A 464 -16.89 -11.72 19.13
N LEU A 465 -16.58 -10.49 19.51
CA LEU A 465 -16.66 -9.33 18.63
C LEU A 465 -15.46 -9.17 17.69
N LEU A 466 -14.26 -9.41 18.21
CA LEU A 466 -13.04 -9.16 17.43
C LEU A 466 -12.86 -10.06 16.20
N PRO A 467 -13.10 -11.39 16.34
CA PRO A 467 -12.96 -12.25 15.16
C PRO A 467 -14.15 -12.14 14.21
N SER A 468 -14.15 -11.06 13.43
CA SER A 468 -15.21 -10.74 12.48
C SER A 468 -14.68 -9.65 11.55
N THR A 469 -15.36 -9.47 10.43
CA THR A 469 -15.03 -8.39 9.51
C THR A 469 -15.15 -7.03 10.19
N ILE A 470 -16.19 -6.83 10.99
CA ILE A 470 -16.30 -5.60 11.80
C ILE A 470 -15.09 -5.43 12.72
N GLY A 471 -14.73 -6.50 13.42
CA GLY A 471 -13.59 -6.47 14.35
C GLY A 471 -12.29 -6.13 13.63
N ARG A 472 -12.13 -6.68 12.43
CA ARG A 472 -10.91 -6.49 11.66
C ARG A 472 -10.79 -5.03 11.22
N THR A 473 -11.93 -4.43 10.89
CA THR A 473 -12.01 -3.03 10.50
C THR A 473 -11.73 -2.11 11.70
N LEU A 474 -12.32 -2.46 12.84
CA LEU A 474 -12.10 -1.74 14.09
C LEU A 474 -10.64 -1.70 14.49
N ALA A 475 -9.98 -2.85 14.47
CA ALA A 475 -8.59 -2.96 14.90
C ALA A 475 -7.69 -2.03 14.09
N ARG A 476 -7.95 -1.95 12.78
CA ARG A 476 -7.21 -1.04 11.90
C ARG A 476 -7.34 0.42 12.35
N ALA A 477 -8.56 0.86 12.66
CA ALA A 477 -8.76 2.24 13.13
C ALA A 477 -8.08 2.52 14.46
N LEU A 478 -8.21 1.59 15.40
CA LEU A 478 -7.55 1.74 16.70
C LEU A 478 -6.03 1.78 16.55
N GLU A 479 -5.50 0.94 15.65
CA GLU A 479 -4.07 0.93 15.41
C GLU A 479 -3.59 2.27 14.87
N SER A 480 -4.35 2.86 13.94
CA SER A 480 -4.02 4.19 13.43
C SER A 480 -3.92 5.20 14.57
N GLN A 481 -4.92 5.21 15.44
CA GLN A 481 -4.93 6.11 16.59
C GLN A 481 -3.70 5.92 17.48
N TYR A 482 -3.40 4.67 17.82
CA TYR A 482 -2.25 4.35 18.67
C TYR A 482 -0.92 4.78 18.03
N CYS A 483 -0.79 4.57 16.72
CA CYS A 483 0.42 4.95 16.01
C CYS A 483 0.64 6.47 16.05
N GLY A 484 -0.44 7.23 15.88
CA GLY A 484 -0.37 8.69 15.99
C GLY A 484 0.10 9.13 17.36
N GLU A 485 -0.48 8.51 18.39
CA GLU A 485 -0.08 8.78 19.78
C GLU A 485 1.40 8.45 20.01
N MET A 486 1.85 7.32 19.50
CA MET A 486 3.23 6.88 19.71
C MET A 486 4.24 7.80 19.04
N MET A 487 3.96 8.25 17.81
CA MET A 487 4.94 9.11 17.15
C MET A 487 4.98 10.52 17.74
N HIS A 488 3.90 10.94 18.37
CA HIS A 488 3.88 12.16 19.18
C HIS A 488 4.97 12.08 20.28
N SER A 489 5.03 10.95 20.97
CA SER A 489 6.07 10.71 21.97
C SER A 489 7.47 10.58 21.34
N ASP A 490 7.56 9.86 20.22
CA ASP A 490 8.83 9.72 19.50
C ASP A 490 9.41 11.09 19.12
N TRP A 491 8.54 12.00 18.67
CA TRP A 491 8.97 13.33 18.30
C TRP A 491 9.62 14.05 19.49
N HIS A 492 8.99 13.98 20.65
CA HIS A 492 9.57 14.60 21.86
C HIS A 492 10.92 13.99 22.21
N ASP A 493 11.02 12.67 22.08
CA ASP A 493 12.27 11.98 22.39
C ASP A 493 13.38 12.35 21.41
N LEU A 494 13.03 12.52 20.14
CA LEU A 494 13.98 12.95 19.10
C LEU A 494 14.54 14.34 19.41
N VAL A 495 13.66 15.31 19.64
CA VAL A 495 14.06 16.69 19.90
C VAL A 495 14.88 16.75 21.19
N ALA A 496 14.46 15.99 22.20
CA ALA A 496 15.21 15.97 23.47
C ALA A 496 16.63 15.47 23.24
N ASN A 497 16.77 14.41 22.46
CA ASN A 497 18.09 13.81 22.20
C ASN A 497 19.01 14.77 21.45
N ILE A 498 18.46 15.45 20.45
CA ILE A 498 19.21 16.43 19.68
C ILE A 498 19.66 17.59 20.56
N ARG A 499 18.75 18.09 21.41
CA ARG A 499 19.08 19.22 22.29
C ARG A 499 20.10 18.83 23.35
N ALA A 500 20.12 17.55 23.72
CA ALA A 500 21.13 17.02 24.67
C ALA A 500 22.52 16.98 24.06
N GLY A 501 22.62 17.14 22.74
CA GLY A 501 23.90 17.22 22.05
C GLY A 501 24.20 16.06 21.10
N ASP A 502 23.30 15.09 20.99
CA ASP A 502 23.48 13.99 20.03
C ASP A 502 22.78 14.32 18.71
N THR A 503 23.57 14.70 17.71
CA THR A 503 23.05 15.03 16.38
C THR A 503 23.28 13.91 15.35
N ALA A 504 23.85 12.78 15.79
CA ALA A 504 24.22 11.69 14.86
C ALA A 504 23.00 11.10 14.15
N THR A 505 23.13 10.89 12.84
CA THR A 505 22.08 10.27 12.03
C THR A 505 22.52 9.04 11.24
N ALA A 506 23.83 8.78 11.15
CA ALA A 506 24.31 7.59 10.42
C ALA A 506 25.55 6.99 11.03
N ASN A 507 25.56 5.67 11.11
CA ASN A 507 26.74 4.89 11.45
C ASN A 507 27.33 4.39 10.14
N VAL A 508 28.52 4.90 9.79
CA VAL A 508 29.16 4.57 8.52
C VAL A 508 30.38 3.67 8.69
N ASP A 509 30.58 3.13 9.89
CA ASP A 509 31.74 2.28 10.17
C ASP A 509 31.86 1.11 9.19
N LYS A 510 30.72 0.55 8.79
N LYS A 510 30.72 0.56 8.78
CA LYS A 510 30.70 -0.57 7.84
CA LYS A 510 30.70 -0.56 7.85
C LYS A 510 29.96 -0.25 6.55
C LYS A 510 29.94 -0.25 6.56
N TRP A 511 30.03 1.00 6.11
CA TRP A 511 29.43 1.41 4.84
C TRP A 511 30.19 0.78 3.66
N ASP A 512 31.51 0.75 3.74
CA ASP A 512 32.33 0.22 2.65
C ASP A 512 32.37 -1.31 2.70
N PRO A 513 32.06 -1.98 1.57
CA PRO A 513 32.06 -3.45 1.53
C PRO A 513 33.41 -4.12 1.86
N ALA A 514 34.51 -3.36 1.79
CA ALA A 514 35.81 -3.87 2.23
C ALA A 514 35.84 -4.21 3.72
N THR A 515 34.91 -3.66 4.49
CA THR A 515 34.82 -3.93 5.92
C THR A 515 33.91 -5.11 6.29
N TRP A 516 33.20 -5.66 5.30
CA TRP A 516 32.19 -6.67 5.58
C TRP A 516 32.78 -8.06 5.73
N PRO A 517 32.12 -8.91 6.54
CA PRO A 517 32.41 -10.32 6.43
C PRO A 517 32.10 -10.82 5.03
N LEU A 518 32.91 -11.75 4.53
CA LEU A 518 32.77 -12.22 3.15
C LEU A 518 31.50 -13.03 2.92
N GLN A 519 30.93 -13.59 4.00
N GLN A 519 30.94 -13.59 3.99
CA GLN A 519 29.61 -14.21 3.97
CA GLN A 519 29.63 -14.24 3.98
C GLN A 519 28.83 -13.74 5.19
C GLN A 519 28.83 -13.76 5.20
N ALA A 520 27.53 -13.50 5.01
CA ALA A 520 26.68 -13.09 6.09
C ALA A 520 25.21 -13.28 5.74
N LYS A 521 24.39 -13.45 6.76
CA LYS A 521 22.95 -13.51 6.57
C LYS A 521 22.28 -12.63 7.60
N GLY A 522 21.14 -12.06 7.22
CA GLY A 522 20.39 -11.16 8.07
C GLY A 522 18.91 -11.23 7.82
N VAL A 523 18.15 -10.80 8.81
CA VAL A 523 16.70 -10.69 8.67
C VAL A 523 16.23 -9.36 9.26
N GLY A 524 15.27 -8.76 8.59
CA GLY A 524 14.63 -7.53 9.06
C GLY A 524 13.14 -7.75 9.07
N THR A 525 12.51 -7.45 10.20
CA THR A 525 11.04 -7.54 10.31
C THR A 525 10.43 -6.18 10.63
N VAL A 526 9.19 -6.01 10.18
CA VAL A 526 8.44 -4.77 10.29
C VAL A 526 6.96 -5.13 10.52
N ALA A 527 6.32 -4.41 11.44
CA ALA A 527 4.87 -4.49 11.55
C ALA A 527 4.31 -3.52 10.52
N ALA A 528 4.20 -4.03 9.29
CA ALA A 528 3.66 -3.24 8.19
C ALA A 528 2.16 -3.03 8.38
N PRO A 529 1.59 -2.03 7.68
CA PRO A 529 0.16 -1.76 7.86
C PRO A 529 -0.76 -2.98 7.76
N ARG A 530 -0.42 -3.95 6.91
CA ARG A 530 -1.27 -5.12 6.69
C ARG A 530 -0.87 -6.35 7.49
N GLY A 531 0.19 -6.25 8.28
CA GLY A 531 0.61 -7.37 9.12
C GLY A 531 2.11 -7.58 9.17
N ALA A 532 2.50 -8.84 9.30
CA ALA A 532 3.88 -9.24 9.55
C ALA A 532 4.71 -9.25 8.26
N LEU A 533 5.72 -8.38 8.20
CA LEU A 533 6.64 -8.28 7.07
C LEU A 533 8.04 -8.73 7.47
N GLY A 534 8.65 -9.56 6.62
CA GLY A 534 10.04 -9.95 6.80
C GLY A 534 10.81 -9.97 5.48
N HIS A 535 12.07 -9.51 5.54
CA HIS A 535 13.04 -9.66 4.46
C HIS A 535 14.22 -10.46 5.01
N TRP A 536 14.59 -11.50 4.28
CA TRP A 536 15.72 -12.36 4.62
C TRP A 536 16.79 -12.27 3.53
N ILE A 537 18.01 -11.91 3.92
CA ILE A 537 19.10 -11.71 2.97
C ILE A 537 20.30 -12.60 3.27
N ARG A 538 20.93 -13.09 2.21
CA ARG A 538 22.26 -13.68 2.28
C ARG A 538 23.20 -12.86 1.42
N ILE A 539 24.35 -12.50 1.99
CA ILE A 539 25.36 -11.70 1.34
C ILE A 539 26.60 -12.56 1.11
N LYS A 540 27.16 -12.47 -0.09
CA LYS A 540 28.40 -13.18 -0.41
C LYS A 540 29.31 -12.31 -1.28
N ASP A 541 30.56 -12.12 -0.83
CA ASP A 541 31.55 -11.31 -1.54
C ASP A 541 30.99 -9.94 -1.95
N GLY A 542 30.28 -9.31 -1.02
CA GLY A 542 29.74 -7.97 -1.22
C GLY A 542 28.46 -7.88 -2.02
N ARG A 543 27.92 -9.02 -2.45
CA ARG A 543 26.77 -9.05 -3.35
C ARG A 543 25.63 -9.83 -2.72
N ILE A 544 24.42 -9.61 -3.22
CA ILE A 544 23.25 -10.36 -2.79
C ILE A 544 23.28 -11.79 -3.36
N GLU A 545 23.41 -12.77 -2.46
CA GLU A 545 23.32 -14.19 -2.83
C GLU A 545 21.86 -14.62 -2.92
N ASN A 546 21.08 -14.30 -1.89
CA ASN A 546 19.65 -14.59 -1.85
C ASN A 546 18.92 -13.45 -1.16
N TYR A 547 17.73 -13.13 -1.64
CA TYR A 547 16.90 -12.12 -1.01
C TYR A 547 15.46 -12.59 -1.15
N GLN A 548 14.83 -12.89 -0.02
CA GLN A 548 13.46 -13.40 0.00
C GLN A 548 12.58 -12.55 0.91
N CYS A 549 11.43 -12.17 0.38
CA CYS A 549 10.43 -11.40 1.09
C CYS A 549 9.21 -12.27 1.39
N VAL A 550 8.73 -12.20 2.63
CA VAL A 550 7.44 -12.77 3.01
C VAL A 550 6.63 -11.62 3.58
N VAL A 551 5.54 -11.29 2.90
CA VAL A 551 4.85 -10.01 3.06
C VAL A 551 3.45 -10.27 3.67
N PRO A 552 2.83 -9.27 4.35
CA PRO A 552 1.60 -9.59 5.06
C PRO A 552 0.52 -10.21 4.19
N THR A 553 0.30 -9.65 3.00
CA THR A 553 -0.74 -10.16 2.12
C THR A 553 -0.32 -11.51 1.51
N THR A 554 0.98 -11.83 1.54
CA THR A 554 1.41 -13.20 1.21
C THR A 554 0.79 -14.16 2.22
N TRP A 555 0.89 -13.85 3.51
CA TRP A 555 0.22 -14.68 4.54
C TRP A 555 -1.30 -14.72 4.30
N ASN A 556 -1.95 -13.57 4.30
CA ASN A 556 -3.40 -13.53 4.30
C ASN A 556 -4.03 -14.05 3.02
N GLY A 557 -3.43 -13.71 1.88
CA GLY A 557 -3.98 -14.07 0.59
C GLY A 557 -3.52 -15.40 0.02
N SER A 558 -2.71 -16.13 0.78
N SER A 558 -2.71 -16.13 0.80
CA SER A 558 -2.07 -17.35 0.29
CA SER A 558 -2.11 -17.40 0.42
C SER A 558 -3.08 -18.39 -0.17
C SER A 558 -3.10 -18.42 -0.15
N PRO A 559 -2.68 -19.19 -1.18
CA PRO A 559 -3.45 -20.34 -1.58
C PRO A 559 -3.17 -21.48 -0.62
N ARG A 560 -3.79 -22.63 -0.87
CA ARG A 560 -3.67 -23.78 0.03
C ARG A 560 -2.25 -24.33 0.04
N ASP A 561 -1.89 -25.00 1.15
CA ASP A 561 -0.54 -25.53 1.31
C ASP A 561 -0.51 -27.01 0.94
N TYR A 562 0.60 -27.68 1.21
CA TYR A 562 0.72 -29.10 0.87
C TYR A 562 -0.34 -29.96 1.56
N LYS A 563 -0.69 -29.60 2.80
CA LYS A 563 -1.73 -30.29 3.56
C LYS A 563 -3.16 -29.91 3.15
N GLY A 564 -3.29 -28.91 2.27
CA GLY A 564 -4.60 -28.45 1.83
C GLY A 564 -5.25 -27.44 2.76
N GLN A 565 -4.47 -26.91 3.70
CA GLN A 565 -5.02 -25.92 4.64
C GLN A 565 -5.20 -24.59 3.94
N ILE A 566 -6.30 -23.91 4.26
CA ILE A 566 -6.64 -22.63 3.66
C ILE A 566 -6.06 -21.44 4.42
N GLY A 567 -5.77 -20.38 3.68
CA GLY A 567 -5.29 -19.12 4.24
C GLY A 567 -6.42 -18.21 4.69
N ALA A 568 -6.06 -17.03 5.18
CA ALA A 568 -7.00 -16.12 5.85
C ALA A 568 -8.14 -15.58 4.97
N PHE A 569 -7.83 -15.18 3.73
CA PHE A 569 -8.87 -14.68 2.82
C PHE A 569 -9.91 -15.76 2.59
N GLU A 570 -9.45 -16.95 2.22
CA GLU A 570 -10.37 -18.05 1.89
C GLU A 570 -11.25 -18.44 3.09
N ALA A 571 -10.63 -18.53 4.26
CA ALA A 571 -11.36 -18.84 5.50
C ALA A 571 -12.38 -17.76 5.87
N SER A 572 -12.03 -16.48 5.66
CA SER A 572 -12.90 -15.38 6.04
C SER A 572 -14.18 -15.31 5.22
N LEU A 573 -14.13 -15.77 3.97
CA LEU A 573 -15.31 -15.75 3.10
C LEU A 573 -16.29 -16.89 3.38
N MET A 574 -15.75 -18.00 3.88
CA MET A 574 -16.57 -19.16 4.21
C MET A 574 -17.76 -18.78 5.10
N ASN A 575 -18.88 -19.44 4.83
CA ASN A 575 -20.04 -19.41 5.71
C ASN A 575 -20.71 -18.03 5.77
N THR A 576 -20.58 -17.29 4.67
CA THR A 576 -21.16 -15.96 4.58
C THR A 576 -22.31 -15.99 3.56
N PRO A 577 -23.52 -15.56 3.97
CA PRO A 577 -24.60 -15.43 3.00
C PRO A 577 -24.40 -14.24 2.08
N MET A 578 -24.80 -14.39 0.81
CA MET A 578 -24.84 -13.28 -0.13
C MET A 578 -26.29 -12.97 -0.45
N VAL A 579 -26.64 -11.69 -0.40
CA VAL A 579 -27.98 -11.25 -0.77
C VAL A 579 -28.29 -11.59 -2.23
N ASN A 580 -27.31 -11.35 -3.10
CA ASN A 580 -27.41 -11.64 -4.51
C ASN A 580 -26.07 -12.21 -4.97
N PRO A 581 -26.04 -13.49 -5.39
CA PRO A 581 -24.75 -14.10 -5.75
C PRO A 581 -23.98 -13.42 -6.89
N GLU A 582 -24.64 -12.64 -7.74
N GLU A 582 -24.67 -12.64 -7.71
CA GLU A 582 -23.93 -11.93 -8.80
CA GLU A 582 -24.06 -11.91 -8.83
C GLU A 582 -23.63 -10.46 -8.48
C GLU A 582 -23.59 -10.50 -8.46
N GLN A 583 -23.79 -10.08 -7.22
CA GLN A 583 -23.29 -8.80 -6.71
C GLN A 583 -22.36 -9.12 -5.56
N PRO A 584 -21.03 -8.90 -5.73
CA PRO A 584 -20.08 -9.38 -4.74
C PRO A 584 -19.91 -8.47 -3.51
N VAL A 585 -20.99 -7.88 -3.02
CA VAL A 585 -20.91 -6.88 -1.95
C VAL A 585 -20.28 -7.46 -0.68
N GLU A 586 -20.73 -8.64 -0.26
CA GLU A 586 -20.23 -9.27 0.96
C GLU A 586 -18.79 -9.77 0.76
N ILE A 587 -18.50 -10.25 -0.44
CA ILE A 587 -17.15 -10.71 -0.77
C ILE A 587 -16.17 -9.55 -0.69
N LEU A 588 -16.55 -8.43 -1.29
CA LEU A 588 -15.74 -7.22 -1.23
C LEU A 588 -15.58 -6.70 0.20
N ARG A 589 -16.68 -6.64 0.96
CA ARG A 589 -16.62 -6.11 2.33
C ARG A 589 -15.61 -6.85 3.19
N THR A 590 -15.67 -8.18 3.14
CA THR A 590 -14.77 -9.00 3.94
C THR A 590 -13.34 -9.00 3.38
N LEU A 591 -13.17 -9.19 2.07
CA LEU A 591 -11.81 -9.14 1.50
C LEU A 591 -11.16 -7.80 1.81
N HIS A 592 -11.89 -6.72 1.61
CA HIS A 592 -11.35 -5.40 1.87
C HIS A 592 -10.97 -5.18 3.34
N SER A 593 -11.61 -5.90 4.28
CA SER A 593 -11.26 -5.75 5.69
C SER A 593 -9.83 -6.19 6.02
N PHE A 594 -9.22 -6.98 5.13
CA PHE A 594 -7.81 -7.35 5.22
C PHE A 594 -6.88 -6.32 4.57
N ASP A 595 -7.46 -5.36 3.84
CA ASP A 595 -6.71 -4.35 3.13
C ASP A 595 -5.71 -5.05 2.19
N PRO A 596 -6.21 -5.85 1.24
CA PRO A 596 -5.30 -6.65 0.43
C PRO A 596 -4.34 -5.81 -0.41
N CYS A 597 -3.05 -6.13 -0.31
CA CYS A 597 -2.04 -5.50 -1.15
C CYS A 597 -1.40 -6.56 -2.03
N LEU A 598 -1.87 -6.65 -3.27
CA LEU A 598 -1.52 -7.79 -4.11
C LEU A 598 -0.11 -7.70 -4.70
N ALA A 599 0.34 -6.49 -5.02
CA ALA A 599 1.71 -6.29 -5.48
C ALA A 599 2.68 -6.67 -4.36
N CYS A 600 2.34 -6.30 -3.14
CA CYS A 600 3.08 -6.75 -1.97
C CYS A 600 3.11 -8.27 -1.86
N SER A 601 1.95 -8.89 -2.04
CA SER A 601 1.82 -10.32 -1.77
C SER A 601 2.71 -11.15 -2.69
N THR A 602 2.95 -10.63 -3.90
CA THR A 602 3.63 -11.38 -4.97
C THR A 602 5.06 -10.89 -5.24
N HIS A 603 5.25 -9.58 -5.16
CA HIS A 603 6.56 -8.94 -5.36
C HIS A 603 7.36 -9.56 -6.51
N PRO B 5 -20.05 18.52 -20.13
CA PRO B 5 -19.58 17.16 -19.87
C PRO B 5 -18.08 17.08 -19.63
N ARG B 6 -17.66 16.09 -18.87
CA ARG B 6 -16.26 15.94 -18.47
C ARG B 6 -15.62 14.77 -19.24
N THR B 7 -14.37 14.95 -19.66
CA THR B 7 -13.67 13.97 -20.49
C THR B 7 -13.46 12.66 -19.73
N PRO B 8 -13.94 11.54 -20.29
CA PRO B 8 -13.70 10.26 -19.64
C PRO B 8 -12.21 9.90 -19.60
N VAL B 9 -11.78 9.40 -18.45
CA VAL B 9 -10.47 8.81 -18.29
C VAL B 9 -10.66 7.34 -17.87
N LEU B 10 -10.10 6.44 -18.67
CA LEU B 10 -10.01 5.04 -18.31
C LEU B 10 -8.57 4.80 -17.85
N TRP B 11 -8.43 4.55 -16.55
CA TRP B 11 -7.14 4.39 -15.91
C TRP B 11 -6.87 2.90 -15.70
N LEU B 12 -5.99 2.35 -16.51
CA LEU B 12 -5.64 0.92 -16.44
C LEU B 12 -4.40 0.71 -15.58
N HIS B 13 -4.33 -0.48 -14.98
CA HIS B 13 -3.19 -0.88 -14.14
C HIS B 13 -2.60 -2.19 -14.64
N GLY B 14 -1.34 -2.15 -15.05
CA GLY B 14 -0.58 -3.36 -15.41
C GLY B 14 0.23 -3.87 -14.23
N LEU B 15 1.46 -4.31 -14.50
CA LEU B 15 2.41 -4.57 -13.42
C LEU B 15 2.89 -3.25 -12.86
N GLU B 16 2.72 -3.06 -11.56
CA GLU B 16 2.92 -1.75 -10.92
C GLU B 16 3.00 -1.91 -9.42
N CYS B 17 3.31 -0.82 -8.74
CA CYS B 17 3.28 -0.78 -7.27
C CYS B 17 2.16 0.11 -6.73
N THR B 18 1.44 0.79 -7.63
CA THR B 18 0.33 1.70 -7.30
C THR B 18 0.81 3.05 -6.72
N GLY B 19 2.11 3.29 -6.76
CA GLY B 19 2.66 4.57 -6.31
C GLY B 19 2.31 5.75 -7.18
N CYS B 20 2.04 5.51 -8.46
CA CYS B 20 1.64 6.60 -9.37
C CYS B 20 0.21 7.09 -9.03
N SER B 21 -0.70 6.15 -8.77
CA SER B 21 -2.04 6.49 -8.27
C SER B 21 -1.97 7.27 -6.95
N GLU B 22 -1.11 6.83 -6.05
CA GLU B 22 -0.94 7.49 -4.75
C GLU B 22 -0.39 8.91 -4.93
N SER B 23 0.62 9.07 -5.77
CA SER B 23 1.15 10.40 -6.04
C SER B 23 0.05 11.31 -6.58
N PHE B 24 -0.74 10.80 -7.52
CA PHE B 24 -1.83 11.57 -8.13
C PHE B 24 -2.73 12.20 -7.07
N ILE B 25 -3.14 11.41 -6.08
CA ILE B 25 -4.04 11.94 -5.03
C ILE B 25 -3.38 12.86 -4.01
N ARG B 26 -2.06 13.04 -4.09
CA ARG B 26 -1.39 14.05 -3.26
C ARG B 26 -1.49 15.45 -3.82
N SER B 27 -1.95 15.59 -5.06
CA SER B 27 -1.95 16.90 -5.72
C SER B 27 -2.68 17.94 -4.89
N ALA B 28 -2.05 19.10 -4.69
CA ALA B 28 -2.67 20.20 -3.97
C ALA B 28 -3.29 21.23 -4.93
N HIS B 29 -2.68 21.40 -6.11
CA HIS B 29 -3.15 22.38 -7.09
C HIS B 29 -3.12 21.78 -8.49
N PRO B 30 -4.25 21.27 -8.98
CA PRO B 30 -5.56 21.15 -8.32
C PRO B 30 -5.64 19.96 -7.36
N LEU B 31 -6.59 20.01 -6.45
CA LEU B 31 -6.93 18.87 -5.61
C LEU B 31 -7.44 17.70 -6.46
N ALA B 32 -7.02 16.49 -6.13
CA ALA B 32 -7.53 15.30 -6.82
C ALA B 32 -9.05 15.24 -6.74
N LYS B 33 -9.60 15.61 -5.59
CA LYS B 33 -11.04 15.68 -5.40
C LYS B 33 -11.71 16.50 -6.53
N ASP B 34 -11.17 17.67 -6.80
CA ASP B 34 -11.72 18.56 -7.84
C ASP B 34 -11.48 18.01 -9.25
N VAL B 35 -10.36 17.32 -9.45
CA VAL B 35 -10.09 16.68 -10.73
C VAL B 35 -11.17 15.63 -11.02
N VAL B 36 -11.41 14.77 -10.04
CA VAL B 36 -12.37 13.67 -10.17
C VAL B 36 -13.82 14.16 -10.29
N LEU B 37 -14.19 15.16 -9.51
CA LEU B 37 -15.58 15.63 -9.46
C LEU B 37 -15.94 16.70 -10.51
N SER B 38 -14.96 17.51 -10.93
CA SER B 38 -15.24 18.67 -11.78
C SER B 38 -14.48 18.74 -13.12
N MET B 39 -13.43 17.93 -13.30
CA MET B 39 -12.58 18.07 -14.48
C MET B 39 -12.65 16.86 -15.41
N ILE B 40 -12.35 15.67 -14.89
CA ILE B 40 -12.47 14.44 -15.67
C ILE B 40 -13.68 13.64 -15.20
N SER B 41 -14.01 12.60 -15.95
CA SER B 41 -14.88 11.53 -15.47
C SER B 41 -14.03 10.26 -15.36
N LEU B 42 -13.64 9.93 -14.13
CA LEU B 42 -12.79 8.77 -13.89
C LEU B 42 -13.67 7.53 -13.85
N ASP B 43 -13.84 6.90 -15.02
CA ASP B 43 -14.87 5.87 -15.20
C ASP B 43 -14.37 4.46 -14.92
N TYR B 44 -13.07 4.25 -15.07
CA TYR B 44 -12.46 2.97 -14.73
C TYR B 44 -11.13 3.23 -14.04
N ASP B 45 -10.98 2.64 -12.86
CA ASP B 45 -9.77 2.76 -12.05
C ASP B 45 -9.89 1.77 -10.88
N ASP B 46 -9.16 0.67 -10.95
CA ASP B 46 -9.28 -0.46 -10.01
CA ASP B 46 -9.39 -0.42 -10.01
C ASP B 46 -9.08 -0.07 -8.55
N THR B 47 -8.32 1.00 -8.33
CA THR B 47 -8.00 1.46 -6.99
C THR B 47 -9.20 2.05 -6.24
N LEU B 48 -10.07 2.77 -6.96
CA LEU B 48 -11.10 3.61 -6.36
C LEU B 48 -12.54 3.26 -6.75
N MET B 49 -12.71 2.48 -7.81
CA MET B 49 -14.04 2.27 -8.39
C MET B 49 -14.94 1.34 -7.55
N ALA B 50 -16.23 1.65 -7.51
CA ALA B 50 -17.19 0.88 -6.71
C ALA B 50 -17.44 -0.51 -7.28
N ALA B 51 -17.57 -0.59 -8.60
CA ALA B 51 -17.87 -1.86 -9.26
C ALA B 51 -16.65 -2.78 -9.29
N ALA B 52 -16.93 -4.08 -9.25
CA ALA B 52 -15.91 -5.12 -9.38
C ALA B 52 -16.33 -6.12 -10.45
N GLY B 53 -15.39 -6.99 -10.82
CA GLY B 53 -15.69 -8.13 -11.69
C GLY B 53 -16.40 -7.74 -12.97
N HIS B 54 -17.50 -8.44 -13.24
CA HIS B 54 -18.26 -8.26 -14.48
C HIS B 54 -18.78 -6.83 -14.61
N GLN B 55 -19.16 -6.22 -13.49
CA GLN B 55 -19.74 -4.88 -13.50
C GLN B 55 -18.68 -3.84 -13.85
N ALA B 56 -17.45 -4.06 -13.36
CA ALA B 56 -16.33 -3.18 -13.67
C ALA B 56 -15.95 -3.25 -15.15
N GLU B 57 -15.82 -4.46 -15.67
N GLU B 57 -15.79 -4.45 -15.69
CA GLU B 57 -15.36 -4.65 -17.05
CA GLU B 57 -15.32 -4.60 -17.07
C GLU B 57 -16.37 -4.14 -18.07
C GLU B 57 -16.38 -4.18 -18.10
N ALA B 58 -17.65 -4.19 -17.70
CA ALA B 58 -18.73 -3.69 -18.56
C ALA B 58 -18.67 -2.17 -18.77
N ILE B 59 -18.05 -1.45 -17.84
CA ILE B 59 -17.87 0.00 -17.98
C ILE B 59 -17.00 0.35 -19.19
N LEU B 60 -15.96 -0.45 -19.43
CA LEU B 60 -15.02 -0.17 -20.52
C LEU B 60 -15.75 -0.10 -21.87
N GLU B 61 -16.53 -1.14 -22.17
CA GLU B 61 -17.32 -1.17 -23.41
C GLU B 61 -18.22 0.05 -23.55
N GLU B 62 -18.89 0.43 -22.47
CA GLU B 62 -19.90 1.49 -22.53
C GLU B 62 -19.24 2.85 -22.85
N ILE B 63 -18.12 3.14 -22.18
CA ILE B 63 -17.44 4.42 -22.39
C ILE B 63 -16.78 4.48 -23.77
N MET B 64 -16.19 3.36 -24.19
CA MET B 64 -15.51 3.31 -25.48
C MET B 64 -16.49 3.54 -26.63
N THR B 65 -17.69 2.98 -26.50
CA THR B 65 -18.75 3.16 -27.47
C THR B 65 -19.26 4.61 -27.48
N LYS B 66 -19.66 5.09 -26.31
N LYS B 66 -19.67 5.09 -26.32
CA LYS B 66 -20.29 6.41 -26.21
CA LYS B 66 -20.29 6.40 -26.19
C LYS B 66 -19.31 7.56 -26.48
C LYS B 66 -19.31 7.55 -26.46
N TYR B 67 -18.04 7.37 -26.12
CA TYR B 67 -17.01 8.43 -26.26
C TYR B 67 -15.86 8.03 -27.18
N LYS B 68 -16.18 7.27 -28.24
CA LYS B 68 -15.17 6.79 -29.19
C LYS B 68 -14.28 7.92 -29.67
N GLY B 69 -12.96 7.73 -29.50
CA GLY B 69 -11.97 8.71 -29.91
C GLY B 69 -12.11 10.03 -29.18
N ASN B 70 -12.70 9.98 -27.99
CA ASN B 70 -12.85 11.14 -27.14
C ASN B 70 -12.72 10.83 -25.66
N TYR B 71 -11.99 9.76 -25.34
CA TYR B 71 -11.59 9.49 -23.96
C TYR B 71 -10.07 9.39 -23.87
N ILE B 72 -9.56 9.62 -22.67
CA ILE B 72 -8.14 9.47 -22.41
C ILE B 72 -7.90 8.11 -21.80
N LEU B 73 -6.96 7.36 -22.35
CA LEU B 73 -6.45 6.15 -21.70
C LEU B 73 -5.22 6.54 -20.87
N ALA B 74 -5.31 6.33 -19.57
CA ALA B 74 -4.15 6.48 -18.68
C ALA B 74 -3.67 5.10 -18.26
N VAL B 75 -2.37 4.86 -18.38
CA VAL B 75 -1.80 3.57 -18.04
C VAL B 75 -0.78 3.72 -16.93
N GLU B 76 -1.04 3.02 -15.82
CA GLU B 76 -0.10 2.87 -14.74
C GLU B 76 0.41 1.44 -14.80
N GLY B 77 1.72 1.27 -14.68
CA GLY B 77 2.32 -0.03 -14.80
C GLY B 77 2.58 -0.39 -16.25
N ASN B 78 2.87 -1.67 -16.49
CA ASN B 78 3.20 -2.14 -17.83
C ASN B 78 2.80 -3.59 -18.06
N PRO B 79 2.71 -3.99 -19.35
CA PRO B 79 2.40 -5.37 -19.70
C PRO B 79 3.62 -6.29 -19.72
N PRO B 80 3.50 -7.48 -19.12
CA PRO B 80 4.52 -8.52 -19.29
C PRO B 80 4.26 -9.38 -20.51
N LEU B 81 5.33 -9.75 -21.22
CA LEU B 81 5.21 -10.62 -22.39
C LEU B 81 5.58 -12.09 -22.11
N ASN B 82 6.31 -12.35 -21.03
CA ASN B 82 6.61 -13.73 -20.65
C ASN B 82 5.41 -14.36 -19.94
N GLN B 83 5.50 -15.66 -19.64
CA GLN B 83 4.42 -16.42 -19.03
C GLN B 83 3.12 -16.32 -19.84
N ASP B 84 3.25 -16.21 -21.16
CA ASP B 84 2.12 -15.97 -22.08
C ASP B 84 1.26 -14.76 -21.67
N GLY B 85 1.88 -13.77 -21.05
CA GLY B 85 1.20 -12.56 -20.57
C GLY B 85 0.46 -12.72 -19.24
N MET B 86 0.48 -13.93 -18.67
CA MET B 86 -0.34 -14.25 -17.51
C MET B 86 0.38 -14.05 -16.17
N SER B 87 1.53 -13.37 -16.21
CA SER B 87 2.10 -12.76 -15.02
C SER B 87 1.37 -11.44 -14.68
N CYS B 88 0.41 -11.04 -15.52
CA CYS B 88 -0.55 -10.02 -15.14
C CYS B 88 -1.90 -10.32 -15.78
N ILE B 89 -2.82 -10.84 -14.97
CA ILE B 89 -4.12 -11.32 -15.43
C ILE B 89 -5.25 -10.37 -15.02
N ILE B 90 -6.06 -9.97 -15.99
CA ILE B 90 -7.30 -9.21 -15.77
C ILE B 90 -8.47 -9.91 -16.45
N GLY B 91 -9.52 -10.20 -15.67
CA GLY B 91 -10.69 -10.90 -16.21
C GLY B 91 -10.34 -12.25 -16.84
N GLY B 92 -9.35 -12.93 -16.26
CA GLY B 92 -8.92 -14.24 -16.76
C GLY B 92 -8.05 -14.21 -18.01
N ARG B 93 -7.69 -13.01 -18.48
CA ARG B 93 -6.93 -12.85 -19.71
C ARG B 93 -5.68 -11.99 -19.49
N PRO B 94 -4.70 -12.06 -20.41
CA PRO B 94 -3.50 -11.24 -20.22
C PRO B 94 -3.81 -9.74 -20.24
N PHE B 95 -3.12 -8.98 -19.39
CA PHE B 95 -3.31 -7.53 -19.35
C PHE B 95 -3.06 -6.89 -20.71
N ILE B 96 -2.08 -7.41 -21.45
CA ILE B 96 -1.74 -6.84 -22.75
C ILE B 96 -2.94 -6.80 -23.70
N GLU B 97 -3.82 -7.78 -23.58
CA GLU B 97 -5.05 -7.80 -24.39
C GLU B 97 -6.03 -6.69 -24.01
N GLN B 98 -6.15 -6.39 -22.72
CA GLN B 98 -6.97 -5.25 -22.28
C GLN B 98 -6.36 -3.93 -22.74
N LEU B 99 -5.05 -3.78 -22.54
CA LEU B 99 -4.34 -2.57 -22.96
C LEU B 99 -4.58 -2.26 -24.45
N LYS B 100 -4.34 -3.26 -25.30
CA LYS B 100 -4.53 -3.09 -26.73
C LYS B 100 -5.99 -2.77 -27.08
N TYR B 101 -6.93 -3.40 -26.39
CA TYR B 101 -8.34 -3.19 -26.66
C TYR B 101 -8.76 -1.76 -26.34
N VAL B 102 -8.41 -1.29 -25.15
CA VAL B 102 -8.80 0.05 -24.72
C VAL B 102 -8.03 1.13 -25.49
N ALA B 103 -6.80 0.83 -25.87
CA ALA B 103 -5.95 1.79 -26.60
C ALA B 103 -6.52 2.16 -27.98
N LYS B 104 -7.19 1.22 -28.64
CA LYS B 104 -7.55 1.42 -30.04
C LYS B 104 -8.44 2.64 -30.31
N ASP B 105 -9.31 2.97 -29.37
CA ASP B 105 -10.26 4.09 -29.56
C ASP B 105 -10.00 5.30 -28.66
N ALA B 106 -8.84 5.35 -28.01
CA ALA B 106 -8.49 6.49 -27.16
C ALA B 106 -8.12 7.71 -28.00
N LYS B 107 -8.49 8.89 -27.52
CA LYS B 107 -8.04 10.16 -28.10
C LYS B 107 -6.55 10.38 -27.85
N ALA B 108 -6.10 9.98 -26.66
CA ALA B 108 -4.71 10.12 -26.27
C ALA B 108 -4.39 9.07 -25.20
N ILE B 109 -3.11 8.76 -25.07
CA ILE B 109 -2.62 7.79 -24.09
C ILE B 109 -1.58 8.44 -23.19
N ILE B 110 -1.79 8.35 -21.87
CA ILE B 110 -0.81 8.83 -20.89
C ILE B 110 -0.12 7.62 -20.29
N SER B 111 1.19 7.55 -20.47
CA SER B 111 2.02 6.56 -19.78
C SER B 111 2.48 7.17 -18.46
N TRP B 112 1.77 6.84 -17.38
CA TRP B 112 2.14 7.33 -16.04
C TRP B 112 3.41 6.65 -15.56
N GLY B 113 4.36 7.47 -15.10
CA GLY B 113 5.52 6.98 -14.38
C GLY B 113 6.53 6.22 -15.19
N SER B 114 7.62 5.83 -14.54
CA SER B 114 8.68 5.08 -15.21
C SER B 114 8.26 3.67 -15.62
N CYS B 115 7.28 3.07 -14.94
CA CYS B 115 6.77 1.76 -15.38
C CYS B 115 6.20 1.81 -16.80
N ALA B 116 5.21 2.67 -17.01
CA ALA B 116 4.56 2.77 -18.31
C ALA B 116 5.48 3.38 -19.35
N SER B 117 6.33 4.31 -18.92
CA SER B 117 7.23 5.03 -19.84
C SER B 117 8.39 4.18 -20.31
N TRP B 118 9.02 3.44 -19.40
CA TRP B 118 10.30 2.78 -19.67
C TRP B 118 10.40 1.31 -19.28
N GLY B 119 9.70 0.89 -18.22
CA GLY B 119 9.82 -0.48 -17.72
C GLY B 119 9.97 -0.56 -16.21
N CYS B 120 10.79 0.34 -15.67
CA CYS B 120 11.02 0.49 -14.24
C CYS B 120 11.49 -0.81 -13.57
N VAL B 121 11.14 -1.02 -12.31
CA VAL B 121 11.88 -1.99 -11.49
C VAL B 121 11.72 -3.43 -11.99
N GLN B 122 10.52 -3.78 -12.40
CA GLN B 122 10.27 -5.13 -12.91
C GLN B 122 11.01 -5.42 -14.23
N ALA B 123 11.37 -4.36 -14.97
CA ALA B 123 12.15 -4.49 -16.21
C ALA B 123 13.67 -4.46 -15.98
N ALA B 124 14.09 -4.25 -14.74
CA ALA B 124 15.50 -4.29 -14.40
C ALA B 124 16.02 -5.71 -14.58
N LYS B 125 17.32 -5.85 -14.85
CA LYS B 125 17.89 -7.16 -15.16
C LYS B 125 17.61 -8.18 -14.04
N PRO B 126 17.21 -9.40 -14.41
CA PRO B 126 17.06 -9.98 -15.75
C PRO B 126 15.63 -9.94 -16.33
N ASN B 127 14.78 -9.06 -15.82
CA ASN B 127 13.40 -8.89 -16.31
C ASN B 127 12.64 -10.22 -16.50
N PRO B 128 12.36 -10.93 -15.41
CA PRO B 128 11.77 -12.27 -15.53
C PRO B 128 10.41 -12.34 -16.24
N THR B 129 9.66 -11.24 -16.24
CA THR B 129 8.34 -11.21 -16.91
C THR B 129 8.33 -10.56 -18.29
N GLN B 130 9.51 -10.12 -18.77
CA GLN B 130 9.61 -9.31 -19.98
CA GLN B 130 9.61 -9.31 -19.98
C GLN B 130 8.58 -8.17 -19.96
N ALA B 131 8.60 -7.43 -18.86
CA ALA B 131 7.79 -6.23 -18.71
C ALA B 131 8.28 -5.23 -19.75
N THR B 132 7.34 -4.61 -20.45
CA THR B 132 7.63 -3.82 -21.64
C THR B 132 6.87 -2.50 -21.56
N PRO B 133 7.54 -1.38 -21.86
CA PRO B 133 6.83 -0.11 -21.79
C PRO B 133 5.71 0.01 -22.82
N VAL B 134 4.73 0.84 -22.51
CA VAL B 134 3.51 0.95 -23.32
C VAL B 134 3.78 1.28 -24.79
N HIS B 135 4.71 2.23 -25.03
CA HIS B 135 5.01 2.68 -26.39
C HIS B 135 5.67 1.61 -27.30
N LYS B 136 6.15 0.53 -26.70
CA LYS B 136 6.70 -0.60 -27.48
C LYS B 136 5.63 -1.63 -27.84
N VAL B 137 4.45 -1.50 -27.25
CA VAL B 137 3.31 -2.38 -27.53
C VAL B 137 2.23 -1.66 -28.35
N ILE B 138 1.94 -0.42 -27.99
CA ILE B 138 1.01 0.43 -28.75
C ILE B 138 1.85 1.37 -29.61
N THR B 139 1.84 1.15 -30.92
CA THR B 139 2.75 1.85 -31.83
C THR B 139 2.04 2.77 -32.82
N ASP B 140 0.72 2.89 -32.71
CA ASP B 140 -0.08 3.64 -33.68
C ASP B 140 -1.00 4.68 -33.02
N LYS B 141 -0.65 5.11 -31.80
CA LYS B 141 -1.46 6.05 -31.04
C LYS B 141 -0.58 7.15 -30.43
N PRO B 142 -1.14 8.34 -30.19
CA PRO B 142 -0.36 9.40 -29.54
C PRO B 142 -0.15 9.11 -28.05
N ILE B 143 1.11 9.04 -27.62
CA ILE B 143 1.44 8.74 -26.24
C ILE B 143 2.25 9.89 -25.64
N ILE B 144 1.94 10.22 -24.39
CA ILE B 144 2.76 11.15 -23.61
CA ILE B 144 2.71 11.16 -23.58
C ILE B 144 3.36 10.39 -22.44
N LYS B 145 4.69 10.46 -22.33
CA LYS B 145 5.40 9.83 -21.22
C LYS B 145 5.50 10.82 -20.07
N VAL B 146 5.12 10.39 -18.87
CA VAL B 146 5.22 11.22 -17.68
C VAL B 146 6.05 10.45 -16.65
N PRO B 147 7.38 10.41 -16.86
CA PRO B 147 8.20 9.50 -16.08
C PRO B 147 8.54 9.98 -14.68
N GLY B 148 9.11 9.08 -13.89
CA GLY B 148 9.37 9.32 -12.49
C GLY B 148 8.79 8.17 -11.71
N CYS B 149 9.35 7.90 -10.54
CA CYS B 149 8.96 6.74 -9.76
C CYS B 149 8.61 7.12 -8.31
N PRO B 150 7.41 7.68 -8.10
CA PRO B 150 6.43 8.10 -9.10
C PRO B 150 6.74 9.52 -9.59
N PRO B 151 6.01 10.01 -10.60
CA PRO B 151 6.14 11.43 -10.93
C PRO B 151 5.64 12.31 -9.80
N ILE B 152 6.06 13.57 -9.79
CA ILE B 152 5.57 14.57 -8.84
C ILE B 152 4.07 14.73 -9.03
N ALA B 153 3.33 14.87 -7.93
CA ALA B 153 1.85 14.91 -8.01
C ALA B 153 1.35 16.01 -8.95
N GLU B 154 1.89 17.22 -8.80
CA GLU B 154 1.45 18.38 -9.58
C GLU B 154 1.85 18.29 -11.05
N VAL B 155 2.89 17.51 -11.34
CA VAL B 155 3.23 17.19 -12.73
C VAL B 155 2.12 16.33 -13.34
N MET B 156 1.67 15.31 -12.61
CA MET B 156 0.62 14.42 -13.11
C MET B 156 -0.67 15.20 -13.38
N THR B 157 -1.13 15.96 -12.38
CA THR B 157 -2.34 16.74 -12.54
C THR B 157 -2.15 17.91 -13.51
N GLY B 158 -0.90 18.38 -13.62
CA GLY B 158 -0.55 19.45 -14.56
C GLY B 158 -0.72 19.01 -16.00
N VAL B 159 -0.34 17.77 -16.29
CA VAL B 159 -0.54 17.19 -17.61
C VAL B 159 -2.04 17.08 -17.93
N ILE B 160 -2.81 16.56 -16.98
CA ILE B 160 -4.27 16.42 -17.14
C ILE B 160 -4.91 17.77 -17.40
N THR B 161 -4.53 18.76 -16.60
CA THR B 161 -5.07 20.10 -16.69
C THR B 161 -4.81 20.70 -18.07
N TYR B 162 -3.59 20.55 -18.58
CA TYR B 162 -3.28 21.06 -19.91
C TYR B 162 -4.16 20.39 -20.97
N MET B 163 -4.23 19.07 -20.91
CA MET B 163 -4.99 18.30 -21.91
C MET B 163 -6.47 18.67 -21.92
N LEU B 164 -7.05 18.89 -20.74
CA LEU B 164 -8.46 19.25 -20.64
C LEU B 164 -8.72 20.68 -21.09
N THR B 165 -7.82 21.59 -20.75
CA THR B 165 -7.99 22.99 -21.12
C THR B 165 -7.91 23.17 -22.63
N PHE B 166 -6.89 22.57 -23.25
CA PHE B 166 -6.59 22.83 -24.65
C PHE B 166 -7.05 21.75 -25.63
N ASP B 167 -7.43 20.58 -25.12
CA ASP B 167 -7.80 19.45 -25.99
C ASP B 167 -6.63 19.11 -26.94
N ARG B 168 -5.41 19.21 -26.40
CA ARG B 168 -4.18 18.97 -27.13
C ARG B 168 -3.17 18.31 -26.20
N ILE B 169 -2.24 17.56 -26.78
CA ILE B 169 -1.07 17.03 -26.09
C ILE B 169 -0.07 18.18 -25.94
N PRO B 170 0.48 18.40 -24.72
CA PRO B 170 1.49 19.46 -24.63
C PRO B 170 2.73 19.14 -25.46
N GLU B 171 3.55 20.15 -25.72
CA GLU B 171 4.76 19.98 -26.52
C GLU B 171 5.68 18.95 -25.86
N LEU B 172 6.16 17.98 -26.64
CA LEU B 172 7.00 16.91 -26.12
C LEU B 172 8.45 17.03 -26.61
N ASP B 173 9.38 16.56 -25.79
CA ASP B 173 10.78 16.40 -26.21
C ASP B 173 10.90 15.14 -27.08
N ARG B 174 12.10 14.83 -27.57
N ARG B 174 12.12 14.82 -27.49
CA ARG B 174 12.26 13.71 -28.51
CA ARG B 174 12.36 13.64 -28.33
C ARG B 174 11.92 12.35 -27.91
C ARG B 174 12.01 12.32 -27.62
N GLN B 175 12.02 12.28 -26.57
N GLN B 175 12.05 12.31 -26.28
CA GLN B 175 11.71 11.05 -25.81
CA GLN B 175 11.74 11.11 -25.52
C GLN B 175 10.24 10.93 -25.38
C GLN B 175 10.23 10.97 -25.26
N GLY B 176 9.43 11.94 -25.75
CA GLY B 176 7.98 11.90 -25.54
C GLY B 176 7.51 12.49 -24.23
N ARG B 177 8.38 13.24 -23.55
CA ARG B 177 8.06 13.84 -22.26
C ARG B 177 7.62 15.30 -22.43
N PRO B 178 6.65 15.78 -21.62
CA PRO B 178 6.25 17.18 -21.74
CA PRO B 178 6.25 17.18 -21.73
C PRO B 178 7.36 18.17 -21.36
N LYS B 179 7.71 19.04 -22.30
CA LYS B 179 8.74 20.03 -22.07
C LYS B 179 8.42 20.96 -20.90
N MET B 180 7.13 21.19 -20.65
CA MET B 180 6.72 22.08 -19.55
C MET B 180 7.12 21.57 -18.15
N PHE B 181 7.39 20.26 -18.03
CA PHE B 181 7.85 19.68 -16.77
C PHE B 181 9.23 18.99 -16.83
N TYR B 182 9.70 18.59 -18.01
CA TYR B 182 10.92 17.79 -18.12
C TYR B 182 12.07 18.41 -18.94
N SER B 183 12.07 19.73 -19.07
N SER B 183 12.06 19.74 -19.08
CA SER B 183 13.12 20.43 -19.84
CA SER B 183 13.12 20.43 -19.84
C SER B 183 14.43 20.61 -19.06
C SER B 183 14.43 20.62 -19.06
N GLN B 184 14.36 20.59 -17.73
CA GLN B 184 15.56 20.78 -16.89
C GLN B 184 16.05 19.48 -16.27
N ARG B 185 17.37 19.37 -16.14
CA ARG B 185 17.95 18.33 -15.29
C ARG B 185 17.87 18.80 -13.85
N ILE B 186 17.83 17.86 -12.92
CA ILE B 186 17.82 18.19 -11.49
C ILE B 186 18.96 19.17 -11.19
N HIS B 187 20.12 18.86 -11.75
CA HIS B 187 21.38 19.57 -11.48
C HIS B 187 21.39 21.01 -12.01
N ASP B 188 20.50 21.33 -12.95
CA ASP B 188 20.47 22.68 -13.53
C ASP B 188 20.21 23.75 -12.47
N LYS B 189 19.20 23.54 -11.63
N LYS B 189 19.21 23.54 -11.62
CA LYS B 189 18.79 24.52 -10.62
CA LYS B 189 18.82 24.53 -10.62
C LYS B 189 18.80 24.00 -9.18
C LYS B 189 18.78 23.99 -9.18
N CYS B 190 19.36 22.81 -8.96
CA CYS B 190 19.52 22.27 -7.61
C CYS B 190 20.16 23.30 -6.68
N TYR B 191 19.55 23.54 -5.52
CA TYR B 191 20.03 24.54 -4.58
C TYR B 191 21.43 24.21 -4.01
N ARG B 192 21.89 22.97 -4.15
CA ARG B 192 23.26 22.62 -3.73
C ARG B 192 24.32 22.90 -4.81
N ARG B 193 23.91 23.44 -5.96
CA ARG B 193 24.86 23.73 -7.04
C ARG B 193 26.06 24.61 -6.66
N PRO B 194 25.84 25.65 -5.84
CA PRO B 194 27.01 26.44 -5.47
C PRO B 194 28.08 25.62 -4.74
N HIS B 195 27.70 24.57 -4.02
CA HIS B 195 28.68 23.67 -3.42
C HIS B 195 29.36 22.80 -4.49
N PHE B 196 28.59 22.24 -5.41
CA PHE B 196 29.16 21.51 -6.55
C PHE B 196 30.16 22.36 -7.33
N ASP B 197 29.77 23.60 -7.63
CA ASP B 197 30.62 24.52 -8.38
C ASP B 197 31.93 24.85 -7.66
N ALA B 198 31.93 24.78 -6.34
CA ALA B 198 33.10 25.08 -5.51
C ALA B 198 33.84 23.81 -5.06
N GLY B 199 33.45 22.65 -5.60
CA GLY B 199 34.06 21.38 -5.20
C GLY B 199 33.85 21.02 -3.73
N GLN B 200 32.68 21.37 -3.21
CA GLN B 200 32.31 21.09 -1.82
C GLN B 200 31.32 19.92 -1.75
N PHE B 201 31.81 18.77 -1.29
CA PHE B 201 31.10 17.50 -1.39
C PHE B 201 31.01 16.73 -0.07
N VAL B 202 29.86 16.09 0.18
CA VAL B 202 29.76 15.02 1.17
C VAL B 202 30.61 13.83 0.68
N GLU B 203 31.41 13.27 1.59
CA GLU B 203 32.22 12.08 1.27
C GLU B 203 31.77 10.83 2.04
N GLU B 204 31.23 11.03 3.25
CA GLU B 204 30.64 9.96 4.04
C GLU B 204 29.34 10.46 4.63
N TRP B 205 28.37 9.57 4.81
CA TRP B 205 27.10 9.98 5.41
C TRP B 205 27.32 10.62 6.76
N ASP B 206 26.58 11.70 6.99
CA ASP B 206 26.61 12.44 8.25
C ASP B 206 27.97 13.01 8.62
N ASP B 207 28.83 13.25 7.63
CA ASP B 207 30.06 14.00 7.87
C ASP B 207 29.73 15.49 8.00
N GLU B 208 30.72 16.31 8.35
CA GLU B 208 30.45 17.72 8.58
CA GLU B 208 30.47 17.74 8.57
C GLU B 208 29.91 18.39 7.31
N SER B 209 30.39 17.94 6.15
CA SER B 209 29.91 18.43 4.87
C SER B 209 28.42 18.15 4.67
N ALA B 210 27.94 16.98 5.10
CA ALA B 210 26.53 16.63 4.99
C ALA B 210 25.67 17.52 5.89
N ARG B 211 26.18 17.85 7.07
CA ARG B 211 25.46 18.70 8.00
C ARG B 211 25.38 20.15 7.51
N LYS B 212 26.28 20.51 6.60
CA LYS B 212 26.26 21.82 5.96
C LYS B 212 25.57 21.82 4.59
N GLY B 213 24.99 20.69 4.19
CA GLY B 213 24.26 20.61 2.93
C GLY B 213 25.13 20.66 1.69
N PHE B 214 26.34 20.13 1.77
CA PHE B 214 27.25 20.11 0.62
C PHE B 214 26.70 19.18 -0.48
N CYS B 215 27.20 19.34 -1.69
CA CYS B 215 26.73 18.58 -2.86
C CYS B 215 26.86 17.07 -2.65
N LEU B 216 25.92 16.33 -3.24
CA LEU B 216 25.82 14.87 -3.05
C LEU B 216 26.38 14.05 -4.22
N TYR B 217 27.10 14.69 -5.13
CA TYR B 217 27.68 14.02 -6.31
C TYR B 217 28.53 12.80 -5.97
N LYS B 218 29.47 12.96 -5.03
CA LYS B 218 30.35 11.86 -4.63
C LYS B 218 29.66 10.76 -3.78
N MET B 219 28.42 11.00 -3.38
CA MET B 219 27.59 9.96 -2.74
C MET B 219 26.65 9.31 -3.75
N GLY B 220 26.82 9.63 -5.03
CA GLY B 220 26.13 8.93 -6.11
C GLY B 220 24.99 9.70 -6.77
N CYS B 221 24.82 10.98 -6.42
CA CYS B 221 23.70 11.76 -6.98
C CYS B 221 23.68 11.70 -8.50
N LYS B 222 22.55 11.30 -9.07
CA LYS B 222 22.39 11.22 -10.52
C LYS B 222 21.64 12.44 -11.07
N GLY B 223 21.54 13.49 -10.27
CA GLY B 223 20.92 14.73 -10.73
C GLY B 223 21.48 15.30 -12.02
N PRO B 224 22.80 15.18 -12.23
CA PRO B 224 23.39 15.69 -13.48
C PRO B 224 22.90 15.05 -14.77
N THR B 225 22.33 13.85 -14.71
CA THR B 225 21.82 13.18 -15.92
C THR B 225 20.33 12.86 -15.86
N THR B 226 19.59 13.52 -14.99
CA THR B 226 18.18 13.17 -14.76
C THR B 226 17.27 14.38 -15.01
N TYR B 227 16.31 14.22 -15.91
CA TYR B 227 15.35 15.27 -16.24
C TYR B 227 14.05 15.11 -15.44
N ASN B 228 13.74 16.12 -14.64
CA ASN B 228 12.53 16.16 -13.81
C ASN B 228 12.40 17.55 -13.21
N ALA B 229 11.28 17.81 -12.54
CA ALA B 229 10.98 19.13 -11.97
C ALA B 229 11.27 19.22 -10.47
N CYS B 230 11.97 18.22 -9.92
CA CYS B 230 12.15 18.09 -8.48
C CYS B 230 12.87 19.24 -7.77
N SER B 231 13.82 19.88 -8.46
N SER B 231 13.82 19.88 -8.46
CA SER B 231 14.63 20.91 -7.83
CA SER B 231 14.62 20.94 -7.85
C SER B 231 13.92 22.26 -7.74
C SER B 231 13.87 22.24 -7.70
N THR B 232 12.86 22.45 -8.54
CA THR B 232 12.12 23.72 -8.56
C THR B 232 10.70 23.52 -8.01
N THR B 233 9.91 22.71 -8.68
CA THR B 233 8.57 22.38 -8.21
C THR B 233 8.59 21.66 -6.85
N ARG B 234 9.52 20.73 -6.70
CA ARG B 234 9.67 19.92 -5.49
C ARG B 234 8.43 19.05 -5.21
N TRP B 235 8.41 18.41 -4.05
CA TRP B 235 7.48 17.34 -3.73
C TRP B 235 6.50 17.70 -2.64
N ASN B 236 5.28 17.20 -2.77
CA ASN B 236 4.27 17.30 -1.71
C ASN B 236 4.05 18.76 -1.33
N GLU B 237 3.62 19.53 -2.34
CA GLU B 237 3.38 20.96 -2.25
C GLU B 237 4.67 21.73 -1.88
N GLY B 238 5.74 21.42 -2.59
CA GLY B 238 7.02 22.12 -2.45
C GLY B 238 7.67 21.98 -1.08
N THR B 239 7.46 20.85 -0.41
CA THR B 239 7.97 20.66 0.95
C THR B 239 9.46 20.30 0.95
N SER B 240 9.85 19.38 0.08
CA SER B 240 11.24 18.99 -0.07
C SER B 240 11.43 18.26 -1.39
N PHE B 241 12.63 17.73 -1.59
CA PHE B 241 12.91 16.77 -2.64
C PHE B 241 14.11 15.92 -2.18
N PRO B 242 14.39 14.81 -2.88
CA PRO B 242 15.41 13.91 -2.34
C PRO B 242 16.69 14.59 -1.85
N ILE B 243 17.25 15.47 -2.67
CA ILE B 243 18.51 16.14 -2.36
C ILE B 243 18.40 17.07 -1.14
N GLN B 244 17.29 17.81 -1.04
CA GLN B 244 17.08 18.68 0.11
C GLN B 244 17.04 17.88 1.44
N SER B 245 16.45 16.69 1.38
CA SER B 245 16.38 15.82 2.56
C SER B 245 17.64 14.95 2.77
N GLY B 246 18.62 15.08 1.89
CA GLY B 246 19.96 14.53 2.14
C GLY B 246 20.43 13.33 1.33
N HIS B 247 19.58 12.79 0.46
CA HIS B 247 19.95 11.63 -0.37
C HIS B 247 20.09 12.11 -1.81
N GLY B 248 21.09 11.59 -2.51
CA GLY B 248 21.25 11.90 -3.93
C GLY B 248 20.06 11.43 -4.74
N CYS B 249 19.81 12.14 -5.84
CA CYS B 249 18.91 11.64 -6.87
C CYS B 249 19.38 10.25 -7.30
N ILE B 250 18.44 9.32 -7.46
CA ILE B 250 18.78 7.98 -7.96
C ILE B 250 18.43 7.82 -9.45
N GLY B 251 17.98 8.90 -10.06
CA GLY B 251 17.70 8.93 -11.49
C GLY B 251 16.36 8.37 -11.88
N CYS B 252 15.35 8.47 -11.00
CA CYS B 252 14.16 7.63 -11.11
C CYS B 252 13.22 7.98 -12.26
N SER B 253 13.45 9.11 -12.94
CA SER B 253 12.66 9.46 -14.13
C SER B 253 13.32 9.06 -15.45
N GLU B 254 14.50 8.45 -15.38
CA GLU B 254 15.27 8.14 -16.59
C GLU B 254 15.17 6.67 -16.96
N ASP B 255 15.17 6.41 -18.26
CA ASP B 255 15.15 5.07 -18.82
C ASP B 255 16.29 4.21 -18.27
N GLY B 256 15.96 3.04 -17.70
CA GLY B 256 16.95 2.07 -17.27
C GLY B 256 17.74 2.46 -16.01
N PHE B 257 17.14 3.24 -15.13
CA PHE B 257 17.89 3.76 -13.98
C PHE B 257 18.28 2.73 -12.92
N TRP B 258 17.69 1.55 -12.96
CA TRP B 258 18.05 0.48 -12.03
C TRP B 258 19.31 -0.27 -12.44
N ASP B 259 19.74 -0.11 -13.69
CA ASP B 259 20.86 -0.87 -14.24
C ASP B 259 22.03 0.01 -14.69
N LYS B 260 22.22 1.12 -13.99
CA LYS B 260 23.36 2.01 -14.23
C LYS B 260 24.38 1.93 -13.10
N GLY B 261 24.46 0.78 -12.45
CA GLY B 261 25.37 0.57 -11.32
C GLY B 261 24.70 0.95 -10.00
N SER B 262 25.46 0.88 -8.92
CA SER B 262 24.95 1.24 -7.60
C SER B 262 24.49 2.69 -7.58
N PHE B 263 23.45 2.95 -6.81
CA PHE B 263 22.96 4.31 -6.65
C PHE B 263 24.01 5.20 -5.98
N TYR B 264 24.94 4.57 -5.26
CA TYR B 264 25.97 5.28 -4.52
C TYR B 264 27.31 5.38 -5.26
N ASP B 265 27.38 4.80 -6.46
CA ASP B 265 28.55 5.00 -7.33
C ASP B 265 28.41 6.36 -8.01
N ARG B 266 29.43 7.20 -7.87
CA ARG B 266 29.40 8.51 -8.50
C ARG B 266 29.48 8.40 -10.04
N LEU B 267 28.91 9.39 -10.71
CA LEU B 267 29.08 9.55 -12.14
C LEU B 267 30.54 9.84 -12.41
N THR B 268 31.05 9.31 -13.52
CA THR B 268 32.42 9.56 -13.93
C THR B 268 32.47 10.82 -14.79
N GLY B 269 33.65 11.41 -14.89
CA GLY B 269 33.86 12.62 -15.67
C GLY B 269 33.06 13.80 -15.15
N ILE B 270 33.36 14.20 -13.91
CA ILE B 270 32.69 15.32 -13.24
C ILE B 270 32.78 16.65 -14.01
N SER B 271 33.86 16.83 -14.78
CA SER B 271 34.09 18.07 -15.53
C SER B 271 33.00 18.37 -16.57
N GLN B 272 32.33 17.33 -17.09
CA GLN B 272 31.30 17.52 -18.11
C GLN B 272 30.00 18.14 -17.57
N PHE B 273 29.83 18.11 -16.25
CA PHE B 273 28.62 18.63 -15.60
C PHE B 273 28.84 20.00 -14.93
N GLY B 274 29.99 20.61 -15.19
CA GLY B 274 30.34 21.90 -14.60
C GLY B 274 29.63 23.07 -15.29
FE NFU C . 2.44 -4.19 2.07
NI NFU C . 1.57 -2.81 -0.04
C1 NFU C . 1.74 -3.65 3.65
N1 NFU C . 1.28 -3.28 4.64
C2 NFU C . 1.51 -5.77 2.25
N2 NFU C . 0.93 -6.75 2.35
C3 NFU C . 3.86 -4.80 3.06
O3 NFU C . 4.72 -5.21 3.66
MG MG D . 8.63 -13.96 -1.37
NA NA E . -13.11 -11.50 25.93
NA NA F . 15.27 0.54 12.42
P PO4 G . 23.67 -21.18 7.55
O1 PO4 G . 22.25 -21.16 7.02
O2 PO4 G . 24.60 -20.57 6.52
O3 PO4 G . 23.72 -20.37 8.82
O4 PO4 G . 24.11 -22.61 7.85
FE1 SF4 H . 23.15 16.38 -7.14
FE2 SF4 H . 25.07 18.15 -6.36
FE3 SF4 H . 22.48 18.92 -6.61
FE4 SF4 H . 23.97 18.37 -8.81
S1 SF4 H . 24.34 20.06 -7.31
S2 SF4 H . 21.83 17.67 -8.43
S3 SF4 H . 25.20 16.54 -8.05
S4 SF4 H . 23.32 17.43 -5.06
FE1 F3S I . 15.76 12.21 -8.61
FE3 F3S I . 13.42 13.55 -8.48
FE4 F3S I . 13.43 10.87 -8.73
S1 F3S I . 15.30 14.01 -7.34
S2 F3S I . 15.34 10.18 -7.63
S3 F3S I . 14.18 12.38 -10.32
S4 F3S I . 12.01 12.09 -7.43
FE1 SF4 J . 5.36 2.31 -8.68
FE2 SF4 J . 5.90 2.02 -11.27
FE3 SF4 J . 7.36 3.65 -9.66
FE4 SF4 J . 4.76 4.36 -10.33
S1 SF4 J . 6.59 4.16 -11.77
S2 SF4 J . 5.77 4.51 -8.32
S3 SF4 J . 3.82 2.31 -10.34
S4 SF4 J . 7.22 1.34 -9.53
NA NA K . 28.97 14.23 -2.43
CL CL L . 13.23 2.35 -16.00
CL CL L . 13.57 1.39 -17.31
S3 ER2 M . 6.59 4.16 -11.77
FE3 ER2 M . 8.24 3.03 -10.60
FE4 ER2 M . 4.76 4.36 -10.33
S4 ER2 M . 5.77 4.51 -8.32
S1 ER2 M . 3.82 2.31 -10.34
FE1 ER2 M . 5.36 2.31 -8.68
FE2 ER2 M . 5.90 2.02 -11.27
S2 ER2 M . 7.22 1.34 -9.53
#